data_7QI1
#
_entry.id   7QI1
#
_cell.length_a   70.367
_cell.length_b   111.460
_cell.length_c   130.410
_cell.angle_alpha   90.000
_cell.angle_beta   90.000
_cell.angle_gamma   90.000
#
_symmetry.space_group_name_H-M   'P 2 21 21'
#
loop_
_entity.id
_entity.type
_entity.pdbx_description
1 polymer '14-3-3 protein theta'
2 polymer 'Cystic fibrosis transmembrane conductance regulator'
3 non-polymer ARGININE
4 non-polymer [2-(2-methylphenyl)sulfanylphenyl]methanamine
5 non-polymer TYROSINE
6 non-polymer GLUTAMINE
7 water water
#
loop_
_entity_poly.entity_id
_entity_poly.type
_entity_poly.pdbx_seq_one_letter_code
_entity_poly.pdbx_strand_id
1 'polypeptide(L)'
;GAMGSMTMDKSELVQKAKLAEQAERYDDMAAAMKAVTEQGHELSNEERNLLSVAYKNVVGARRSSWRVISSIEQKTERNE
KKQQMGKEYREKIEAELQDICNDVLELLDKYLIPNATQPESKVFYLKMKGDYFRYLSEVASGDNKQTTVSNSQQAYQEAF
EISKKEMQPTHPIRLGLALNFSVFYYEILNSPEKACSLAKTAFDEAIAELDTLNEESYKDSTLIMQLLRDNLTLWTS
;
A,B,C,D
2 'polypeptide(L)' AILPRI(SEP)VISTGPTLQARRRQ(SEP)VLNLMT F,E
#
loop_
_chem_comp.id
_chem_comp.type
_chem_comp.name
_chem_comp.formula
Q95 non-polymer [2-(2-methylphenyl)sulfanylphenyl]methanamine 'C14 H15 N S'
#
# COMPACT_ATOMS: atom_id res chain seq x y z
N MET A 3 7.39 39.76 -12.78
CA MET A 3 7.22 40.05 -11.37
C MET A 3 5.80 40.53 -11.08
N GLY A 4 5.12 39.85 -10.16
CA GLY A 4 3.75 40.16 -9.82
C GLY A 4 3.33 39.67 -8.45
N SER A 5 2.16 39.02 -8.36
CA SER A 5 1.67 38.53 -7.07
C SER A 5 2.43 37.29 -6.62
N MET A 6 2.66 36.34 -7.53
CA MET A 6 3.47 35.16 -7.20
C MET A 6 4.93 35.54 -7.35
N THR A 7 5.62 35.73 -6.23
CA THR A 7 7.02 36.16 -6.23
C THR A 7 7.99 35.03 -5.94
N MET A 8 7.52 33.88 -5.48
CA MET A 8 8.41 32.74 -5.31
C MET A 8 8.84 32.19 -6.66
N ASP A 9 10.06 31.65 -6.70
CA ASP A 9 10.55 31.02 -7.91
C ASP A 9 10.19 29.53 -7.89
N LYS A 10 10.52 28.84 -8.98
CA LYS A 10 10.06 27.47 -9.18
C LYS A 10 10.59 26.54 -8.08
N SER A 11 11.84 26.73 -7.65
CA SER A 11 12.39 25.85 -6.64
C SER A 11 11.69 26.03 -5.30
N GLU A 12 11.31 27.25 -4.97
CA GLU A 12 10.56 27.48 -3.73
C GLU A 12 9.17 26.87 -3.83
N LEU A 13 8.50 27.04 -4.98
CA LEU A 13 7.18 26.45 -5.14
C LEU A 13 7.23 24.93 -5.06
N VAL A 14 8.25 24.31 -5.65
CA VAL A 14 8.35 22.86 -5.61
C VAL A 14 8.61 22.38 -4.19
N GLN A 15 9.48 23.08 -3.45
CA GLN A 15 9.68 22.74 -2.05
C GLN A 15 8.40 22.93 -1.26
N LYS A 16 7.67 24.02 -1.52
CA LYS A 16 6.39 24.22 -0.84
C LYS A 16 5.45 23.06 -1.14
N ALA A 17 5.39 22.63 -2.42
CA ALA A 17 4.53 21.51 -2.79
C ALA A 17 4.92 20.23 -2.05
N LYS A 18 6.22 19.97 -1.90
CA LYS A 18 6.63 18.76 -1.19
C LYS A 18 6.29 18.85 0.30
N LEU A 19 6.40 20.04 0.88
CA LEU A 19 5.99 20.20 2.28
C LEU A 19 4.48 19.98 2.43
N ALA A 20 3.69 20.57 1.52
CA ALA A 20 2.24 20.44 1.59
C ALA A 20 1.82 18.98 1.49
N GLU A 21 2.47 18.22 0.59
CA GLU A 21 2.20 16.80 0.47
C GLU A 21 2.43 16.07 1.78
N GLN A 22 3.58 16.30 2.41
CA GLN A 22 3.89 15.63 3.66
C GLN A 22 2.90 16.00 4.75
N ALA A 23 2.41 17.24 4.71
CA ALA A 23 1.44 17.74 5.68
C ALA A 23 0.00 17.38 5.32
N GLU A 24 -0.21 16.63 4.23
CA GLU A 24 -1.53 16.26 3.74
C GLU A 24 -2.42 17.49 3.53
N ARG A 25 -1.83 18.56 3.01
CA ARG A 25 -2.54 19.79 2.65
C ARG A 25 -2.52 19.90 1.12
N TYR A 26 -3.44 19.15 0.49
CA TYR A 26 -3.31 18.96 -0.96
C TYR A 26 -3.82 20.15 -1.74
N ASP A 27 -4.74 20.95 -1.18
CA ASP A 27 -5.11 22.17 -1.87
C ASP A 27 -3.92 23.10 -2.01
N ASP A 28 -3.11 23.23 -0.94
CA ASP A 28 -1.86 24.00 -1.04
C ASP A 28 -0.93 23.39 -2.07
N MET A 29 -0.80 22.06 -2.05
CA MET A 29 0.08 21.39 -3.00
C MET A 29 -0.32 21.69 -4.43
N ALA A 30 -1.62 21.58 -4.73
CA ALA A 30 -2.09 21.85 -6.08
C ALA A 30 -1.86 23.30 -6.48
N ALA A 31 -2.09 24.23 -5.56
CA ALA A 31 -1.89 25.64 -5.91
C ALA A 31 -0.43 25.90 -6.23
N ALA A 32 0.49 25.27 -5.49
CA ALA A 32 1.91 25.47 -5.77
C ALA A 32 2.27 24.93 -7.15
N MET A 33 1.86 23.69 -7.45
CA MET A 33 2.23 23.10 -8.74
C MET A 33 1.49 23.76 -9.91
N LYS A 34 0.30 24.32 -9.66
CA LYS A 34 -0.36 25.13 -10.68
C LYS A 34 0.45 26.38 -10.99
N ALA A 35 0.97 27.04 -9.96
CA ALA A 35 1.82 28.21 -10.17
C ALA A 35 3.10 27.83 -10.90
N VAL A 36 3.68 26.66 -10.59
CA VAL A 36 4.85 26.21 -11.35
C VAL A 36 4.49 26.08 -12.81
N THR A 37 3.38 25.38 -13.09
CA THR A 37 2.99 25.12 -14.47
C THR A 37 2.71 26.42 -15.23
N GLU A 38 2.06 27.38 -14.59
CA GLU A 38 1.69 28.63 -15.23
C GLU A 38 2.87 29.54 -15.51
N GLN A 39 4.03 29.24 -14.95
CA GLN A 39 5.24 30.01 -15.28
C GLN A 39 5.90 29.52 -16.55
N GLY A 40 5.28 28.59 -17.27
CA GLY A 40 5.76 28.19 -18.57
C GLY A 40 6.81 27.10 -18.58
N HIS A 41 7.37 26.73 -17.43
CA HIS A 41 8.32 25.64 -17.38
C HIS A 41 7.71 24.37 -17.94
N GLU A 42 8.41 23.74 -18.88
CA GLU A 42 8.16 22.34 -19.15
C GLU A 42 8.52 21.54 -17.90
N LEU A 43 7.56 20.80 -17.37
CA LEU A 43 7.76 20.15 -16.07
C LEU A 43 8.73 18.99 -16.18
N SER A 44 9.56 18.82 -15.15
CA SER A 44 10.36 17.62 -15.01
C SER A 44 9.47 16.44 -14.63
N ASN A 45 10.05 15.24 -14.68
CA ASN A 45 9.31 14.06 -14.25
C ASN A 45 8.89 14.19 -12.79
N GLU A 46 9.77 14.72 -11.94
CA GLU A 46 9.42 14.95 -10.53
C GLU A 46 8.27 15.94 -10.41
N GLU A 47 8.37 17.07 -11.12
CA GLU A 47 7.34 18.09 -11.04
C GLU A 47 6.02 17.62 -11.65
N ARG A 48 6.10 16.85 -12.74
CA ARG A 48 4.91 16.24 -13.33
C ARG A 48 4.18 15.37 -12.32
N ASN A 49 4.93 14.54 -11.60
CA ASN A 49 4.33 13.65 -10.61
C ASN A 49 3.74 14.44 -9.44
N LEU A 50 4.40 15.53 -9.04
CA LEU A 50 3.86 16.33 -7.94
C LEU A 50 2.53 16.95 -8.35
N LEU A 51 2.46 17.48 -9.56
CA LEU A 51 1.23 18.07 -10.05
C LEU A 51 0.12 17.03 -10.09
N SER A 52 0.43 15.83 -10.58
CA SER A 52 -0.59 14.78 -10.70
C SER A 52 -1.06 14.31 -9.34
N VAL A 53 -0.14 14.12 -8.40
CA VAL A 53 -0.52 13.69 -7.06
C VAL A 53 -1.38 14.74 -6.38
N ALA A 54 -1.01 16.01 -6.54
CA ALA A 54 -1.73 17.10 -5.89
C ALA A 54 -3.18 17.11 -6.35
N TYR A 55 -3.40 17.12 -7.67
CA TYR A 55 -4.77 17.25 -8.15
C TYR A 55 -5.55 15.95 -7.95
N LYS A 56 -4.89 14.80 -8.05
CA LYS A 56 -5.56 13.54 -7.72
C LYS A 56 -6.19 13.59 -6.34
N ASN A 57 -5.46 14.14 -5.36
CA ASN A 57 -6.00 14.18 -4.00
C ASN A 57 -7.02 15.30 -3.82
N VAL A 58 -6.79 16.44 -4.46
CA VAL A 58 -7.76 17.53 -4.39
C VAL A 58 -9.08 17.08 -4.98
N VAL A 59 -9.04 16.54 -6.20
CA VAL A 59 -10.29 16.12 -6.81
C VAL A 59 -10.84 14.88 -6.12
N GLY A 60 -9.94 14.00 -5.63
CA GLY A 60 -10.40 12.77 -5.02
C GLY A 60 -11.22 13.01 -3.78
N ALA A 61 -10.86 14.05 -3.02
CA ALA A 61 -11.64 14.37 -1.82
C ALA A 61 -13.06 14.76 -2.21
N ARG A 62 -13.22 15.52 -3.30
CA ARG A 62 -14.55 15.93 -3.72
C ARG A 62 -15.32 14.78 -4.35
N ARG A 63 -14.65 13.92 -5.11
CA ARG A 63 -15.33 12.75 -5.65
C ARG A 63 -15.84 11.86 -4.52
N SER A 64 -15.05 11.68 -3.47
CA SER A 64 -15.49 10.87 -2.33
C SER A 64 -16.66 11.52 -1.61
N SER A 65 -16.55 12.81 -1.29
CA SER A 65 -17.68 13.50 -0.64
C SER A 65 -18.93 13.44 -1.50
N TRP A 66 -18.79 13.62 -2.81
CA TRP A 66 -19.94 13.54 -3.70
C TRP A 66 -20.58 12.17 -3.66
N ARG A 67 -19.78 11.09 -3.64
CA ARG A 67 -20.38 9.76 -3.56
CA ARG A 67 -20.39 9.77 -3.56
C ARG A 67 -21.14 9.57 -2.24
N VAL A 68 -20.59 10.08 -1.14
CA VAL A 68 -21.25 9.93 0.15
C VAL A 68 -22.57 10.67 0.15
N ILE A 69 -22.55 11.94 -0.24
CA ILE A 69 -23.77 12.76 -0.22
C ILE A 69 -24.78 12.19 -1.21
N SER A 70 -24.32 11.76 -2.38
CA SER A 70 -25.25 11.18 -3.35
C SER A 70 -25.94 9.96 -2.77
N SER A 71 -25.17 9.11 -2.09
CA SER A 71 -25.73 7.88 -1.55
C SER A 71 -26.70 8.19 -0.40
N ILE A 72 -26.42 9.22 0.40
CA ILE A 72 -27.37 9.63 1.43
C ILE A 72 -28.64 10.18 0.81
N GLU A 73 -28.48 11.06 -0.19
CA GLU A 73 -29.63 11.67 -0.86
C GLU A 73 -30.52 10.60 -1.48
N GLN A 74 -29.92 9.58 -2.08
CA GLN A 74 -30.73 8.54 -2.74
C GLN A 74 -31.35 7.55 -1.78
N LYS A 75 -30.79 7.39 -0.58
CA LYS A 75 -31.38 6.53 0.44
C LYS A 75 -32.35 7.29 1.37
N THR A 76 -32.62 8.56 1.08
CA THR A 76 -33.52 9.37 1.88
C THR A 76 -34.89 9.35 1.20
N GLU A 77 -35.82 8.59 1.76
CA GLU A 77 -37.12 8.37 1.12
C GLU A 77 -38.19 9.34 1.62
N ARG A 78 -38.49 9.29 2.92
CA ARG A 78 -39.65 10.04 3.42
C ARG A 78 -39.30 11.50 3.72
N ASN A 79 -38.14 11.74 4.31
CA ASN A 79 -37.77 13.07 4.79
C ASN A 79 -37.51 14.00 3.60
N GLU A 80 -38.42 14.94 3.35
CA GLU A 80 -38.28 15.85 2.23
C GLU A 80 -37.16 16.85 2.47
N LYS A 81 -37.17 17.53 3.62
CA LYS A 81 -36.20 18.60 3.83
C LYS A 81 -34.77 18.06 3.81
N LYS A 82 -34.56 16.86 4.35
CA LYS A 82 -33.26 16.22 4.21
C LYS A 82 -32.92 15.98 2.75
N GLN A 83 -33.91 15.52 1.96
CA GLN A 83 -33.69 15.32 0.53
CA GLN A 83 -33.68 15.31 0.53
C GLN A 83 -33.20 16.60 -0.14
N GLN A 84 -33.92 17.71 0.07
CA GLN A 84 -33.55 18.95 -0.58
CA GLN A 84 -33.56 18.97 -0.57
C GLN A 84 -32.19 19.44 -0.11
N MET A 85 -31.89 19.28 1.20
CA MET A 85 -30.58 19.72 1.68
C MET A 85 -29.47 18.87 1.08
N GLY A 86 -29.68 17.56 0.98
CA GLY A 86 -28.70 16.70 0.34
C GLY A 86 -28.47 17.07 -1.11
N LYS A 87 -29.54 17.44 -1.81
CA LYS A 87 -29.41 17.88 -3.19
C LYS A 87 -28.58 19.15 -3.30
N GLU A 88 -28.86 20.13 -2.44
CA GLU A 88 -28.10 21.39 -2.48
C GLU A 88 -26.63 21.16 -2.10
N TYR A 89 -26.39 20.31 -1.10
CA TYR A 89 -25.01 20.00 -0.72
C TYR A 89 -24.30 19.26 -1.85
N ARG A 90 -24.98 18.30 -2.47
CA ARG A 90 -24.36 17.61 -3.60
C ARG A 90 -23.99 18.60 -4.70
N GLU A 91 -24.90 19.52 -5.02
CA GLU A 91 -24.64 20.50 -6.07
C GLU A 91 -23.49 21.43 -5.70
N LYS A 92 -23.33 21.74 -4.41
CA LYS A 92 -22.20 22.57 -4.00
C LYS A 92 -20.88 21.82 -4.20
N ILE A 93 -20.88 20.53 -3.88
CA ILE A 93 -19.68 19.72 -4.11
C ILE A 93 -19.42 19.56 -5.60
N GLU A 94 -20.48 19.37 -6.39
CA GLU A 94 -20.33 19.28 -7.84
C GLU A 94 -19.66 20.53 -8.40
N ALA A 95 -20.02 21.71 -7.90
CA ALA A 95 -19.45 22.92 -8.45
C ALA A 95 -17.96 23.02 -8.12
N GLU A 96 -17.57 22.56 -6.93
CA GLU A 96 -16.16 22.51 -6.57
C GLU A 96 -15.41 21.58 -7.51
N LEU A 97 -15.99 20.39 -7.71
CA LEU A 97 -15.38 19.38 -8.58
C LEU A 97 -15.23 19.90 -9.99
N GLN A 98 -16.27 20.55 -10.51
CA GLN A 98 -16.19 21.13 -11.85
C GLN A 98 -15.11 22.18 -11.93
N ASP A 99 -14.98 23.03 -10.91
CA ASP A 99 -13.93 24.05 -10.92
C ASP A 99 -12.54 23.43 -10.88
N ILE A 100 -12.35 22.39 -10.06
CA ILE A 100 -11.05 21.71 -10.00
C ILE A 100 -10.70 21.11 -11.36
N CYS A 101 -11.63 20.36 -11.94
CA CYS A 101 -11.36 19.75 -13.23
C CYS A 101 -11.11 20.83 -14.29
N ASN A 102 -11.84 21.93 -14.22
CA ASN A 102 -11.62 22.98 -15.20
C ASN A 102 -10.20 23.53 -15.11
N ASP A 103 -9.68 23.71 -13.89
CA ASP A 103 -8.32 24.23 -13.74
C ASP A 103 -7.31 23.25 -14.33
N VAL A 104 -7.49 21.96 -14.05
CA VAL A 104 -6.55 20.97 -14.58
C VAL A 104 -6.58 20.96 -16.10
N LEU A 105 -7.78 20.91 -16.66
CA LEU A 105 -7.90 20.86 -18.12
C LEU A 105 -7.38 22.12 -18.77
N GLU A 106 -7.55 23.27 -18.11
CA GLU A 106 -6.94 24.52 -18.58
C GLU A 106 -5.43 24.38 -18.64
N LEU A 107 -4.80 23.90 -17.56
CA LEU A 107 -3.36 23.70 -17.56
C LEU A 107 -2.93 22.78 -18.69
N LEU A 108 -3.69 21.70 -18.90
CA LEU A 108 -3.32 20.72 -19.92
C LEU A 108 -3.38 21.31 -21.31
N ASP A 109 -4.43 22.08 -21.60
CA ASP A 109 -4.60 22.63 -22.95
C ASP A 109 -3.71 23.83 -23.19
N LYS A 110 -3.40 24.60 -22.15
CA LYS A 110 -2.63 25.82 -22.33
CA LYS A 110 -2.63 25.82 -22.33
C LYS A 110 -1.12 25.60 -22.27
N TYR A 111 -0.66 24.70 -21.39
CA TYR A 111 0.75 24.57 -21.09
C TYR A 111 1.32 23.18 -21.31
N LEU A 112 0.64 22.15 -20.80
CA LEU A 112 1.28 20.84 -20.68
C LEU A 112 1.31 20.09 -22.00
N ILE A 113 0.16 19.91 -22.65
CA ILE A 113 0.13 19.14 -23.90
C ILE A 113 0.87 19.90 -25.01
N PRO A 114 0.66 21.21 -25.20
CA PRO A 114 1.40 21.87 -26.30
C PRO A 114 2.90 21.85 -26.15
N ASN A 115 3.42 21.73 -24.93
CA ASN A 115 4.86 21.75 -24.69
C ASN A 115 5.47 20.35 -24.59
N ALA A 116 4.65 19.30 -24.65
CA ALA A 116 5.14 17.93 -24.61
C ALA A 116 5.70 17.55 -25.97
N THR A 117 7.01 17.40 -26.07
CA THR A 117 7.65 17.00 -27.32
C THR A 117 7.95 15.51 -27.38
N GLN A 118 8.14 14.86 -26.23
N GLN A 118 8.13 14.88 -26.23
CA GLN A 118 8.45 13.43 -26.13
CA GLN A 118 8.41 13.46 -26.07
C GLN A 118 7.17 12.62 -25.98
C GLN A 118 7.11 12.66 -26.06
N PRO A 119 7.06 11.49 -26.69
CA PRO A 119 5.82 10.69 -26.65
C PRO A 119 5.36 10.31 -25.25
N GLU A 120 6.31 10.00 -24.36
CA GLU A 120 5.97 9.67 -22.98
C GLU A 120 5.22 10.80 -22.30
N SER A 121 5.69 12.04 -22.48
CA SER A 121 4.98 13.18 -21.89
C SER A 121 3.62 13.38 -22.54
N LYS A 122 3.52 13.20 -23.85
CA LYS A 122 2.23 13.38 -24.51
C LYS A 122 1.22 12.32 -24.05
N VAL A 123 1.64 11.06 -23.89
CA VAL A 123 0.72 10.05 -23.38
C VAL A 123 0.32 10.37 -21.95
N PHE A 124 1.29 10.77 -21.12
CA PHE A 124 0.98 11.09 -19.73
C PHE A 124 -0.08 12.20 -19.64
N TYR A 125 0.10 13.29 -20.40
CA TYR A 125 -0.84 14.40 -20.26
C TYR A 125 -2.18 14.14 -20.96
N LEU A 126 -2.17 13.40 -22.06
CA LEU A 126 -3.43 13.02 -22.70
C LEU A 126 -4.23 12.07 -21.82
N LYS A 127 -3.54 11.13 -21.14
CA LYS A 127 -4.22 10.30 -20.15
C LYS A 127 -4.84 11.16 -19.05
N MET A 128 -4.08 12.14 -18.55
CA MET A 128 -4.61 13.05 -17.53
C MET A 128 -5.83 13.78 -18.05
N LYS A 129 -5.79 14.24 -19.31
CA LYS A 129 -6.97 14.87 -19.90
C LYS A 129 -8.14 13.91 -19.92
N GLY A 130 -7.91 12.66 -20.32
CA GLY A 130 -8.98 11.68 -20.27
C GLY A 130 -9.51 11.48 -18.87
N ASP A 131 -8.62 11.49 -17.88
CA ASP A 131 -9.01 11.26 -16.49
C ASP A 131 -9.93 12.37 -16.00
N TYR A 132 -9.55 13.62 -16.24
CA TYR A 132 -10.31 14.71 -15.66
C TYR A 132 -11.63 14.95 -16.39
N PHE A 133 -11.70 14.65 -17.70
CA PHE A 133 -13.01 14.62 -18.35
C PHE A 133 -13.84 13.45 -17.83
N ARG A 134 -13.20 12.33 -17.49
CA ARG A 134 -13.94 11.24 -16.85
C ARG A 134 -14.50 11.67 -15.51
N TYR A 135 -13.72 12.39 -14.72
CA TYR A 135 -14.25 12.82 -13.41
C TYR A 135 -15.43 13.76 -13.60
N LEU A 136 -15.37 14.63 -14.60
CA LEU A 136 -16.52 15.49 -14.89
C LEU A 136 -17.71 14.66 -15.31
N SER A 137 -17.46 13.61 -16.12
CA SER A 137 -18.52 12.73 -16.57
C SER A 137 -19.17 11.97 -15.42
N GLU A 138 -18.48 11.79 -14.30
CA GLU A 138 -19.09 11.08 -13.18
C GLU A 138 -20.27 11.84 -12.59
N VAL A 139 -20.28 13.17 -12.74
CA VAL A 139 -21.33 14.00 -12.14
C VAL A 139 -22.12 14.78 -13.17
N ALA A 140 -21.75 14.71 -14.45
CA ALA A 140 -22.46 15.52 -15.43
C ALA A 140 -23.78 14.87 -15.82
N SER A 141 -24.66 15.64 -16.45
CA SER A 141 -25.86 15.06 -17.03
C SER A 141 -26.15 15.74 -18.36
N GLY A 142 -27.07 15.16 -19.12
CA GLY A 142 -27.60 15.82 -20.31
C GLY A 142 -26.55 16.00 -21.39
N ASP A 143 -26.65 17.13 -22.08
CA ASP A 143 -25.72 17.45 -23.16
C ASP A 143 -24.31 17.71 -22.65
N ASN A 144 -24.19 18.25 -21.43
CA ASN A 144 -22.86 18.41 -20.85
C ASN A 144 -22.19 17.08 -20.67
N LYS A 145 -22.95 16.06 -20.23
CA LYS A 145 -22.35 14.73 -20.08
C LYS A 145 -21.93 14.16 -21.42
N GLN A 146 -22.75 14.38 -22.46
CA GLN A 146 -22.34 13.95 -23.79
C GLN A 146 -21.01 14.57 -24.17
N THR A 147 -20.81 15.84 -23.84
CA THR A 147 -19.57 16.54 -24.16
C THR A 147 -18.39 15.97 -23.38
N THR A 148 -18.56 15.78 -22.07
CA THR A 148 -17.44 15.30 -21.27
C THR A 148 -17.08 13.86 -21.59
N VAL A 149 -18.08 13.00 -21.81
CA VAL A 149 -17.80 11.61 -22.17
C VAL A 149 -17.03 11.56 -23.48
N SER A 150 -17.47 12.33 -24.48
CA SER A 150 -16.80 12.33 -25.77
C SER A 150 -15.38 12.87 -25.66
N ASN A 151 -15.20 13.97 -24.92
CA ASN A 151 -13.86 14.52 -24.76
C ASN A 151 -12.96 13.55 -24.01
N SER A 152 -13.50 12.85 -23.01
CA SER A 152 -12.65 11.90 -22.28
C SER A 152 -12.21 10.76 -23.20
N GLN A 153 -13.15 10.20 -23.98
CA GLN A 153 -12.83 9.10 -24.89
C GLN A 153 -11.80 9.53 -25.93
N GLN A 154 -11.96 10.72 -26.49
CA GLN A 154 -11.04 11.18 -27.51
C GLN A 154 -9.63 11.34 -26.98
N ALA A 155 -9.50 11.85 -25.76
CA ALA A 155 -8.17 12.04 -25.17
C ALA A 155 -7.53 10.69 -24.87
N TYR A 156 -8.28 9.78 -24.25
CA TYR A 156 -7.78 8.43 -23.99
C TYR A 156 -7.41 7.72 -25.28
N GLN A 157 -8.24 7.85 -26.31
CA GLN A 157 -7.99 7.11 -27.53
C GLN A 157 -6.71 7.60 -28.20
N GLU A 158 -6.50 8.92 -28.24
CA GLU A 158 -5.26 9.45 -28.80
C GLU A 158 -4.05 8.99 -28.00
N ALA A 159 -4.12 9.10 -26.66
CA ALA A 159 -3.03 8.61 -25.82
C ALA A 159 -2.78 7.13 -26.07
N PHE A 160 -3.87 6.36 -26.24
CA PHE A 160 -3.78 4.92 -26.41
C PHE A 160 -3.03 4.57 -27.67
N GLU A 161 -3.39 5.22 -28.78
CA GLU A 161 -2.73 4.96 -30.06
C GLU A 161 -1.25 5.33 -29.99
N ILE A 162 -0.93 6.47 -29.37
CA ILE A 162 0.47 6.87 -29.26
C ILE A 162 1.23 5.85 -28.44
N SER A 163 0.64 5.43 -27.33
CA SER A 163 1.33 4.51 -26.42
C SER A 163 1.63 3.18 -27.10
N LYS A 164 0.76 2.71 -27.99
CA LYS A 164 0.98 1.43 -28.64
C LYS A 164 2.01 1.51 -29.76
N LYS A 165 2.12 2.68 -30.40
CA LYS A 165 3.16 2.90 -31.40
C LYS A 165 4.52 3.12 -30.73
N GLU A 166 4.57 3.88 -29.65
CA GLU A 166 5.83 4.42 -29.15
C GLU A 166 6.34 3.80 -27.88
N MET A 167 5.54 2.99 -27.18
CA MET A 167 5.95 2.45 -25.89
C MET A 167 5.84 0.93 -25.88
N GLN A 168 6.60 0.30 -25.02
CA GLN A 168 6.52 -1.14 -24.86
C GLN A 168 5.36 -1.48 -23.91
N PRO A 169 4.76 -2.69 -24.06
CA PRO A 169 3.61 -3.06 -23.21
C PRO A 169 3.86 -2.96 -21.71
N THR A 170 5.13 -3.02 -21.31
CA THR A 170 5.50 -2.99 -19.91
C THR A 170 5.74 -1.58 -19.38
N HIS A 171 5.59 -0.56 -20.23
CA HIS A 171 5.81 0.80 -19.74
C HIS A 171 4.71 1.17 -18.75
N PRO A 172 5.05 1.72 -17.59
CA PRO A 172 4.02 2.01 -16.57
C PRO A 172 3.02 3.05 -17.00
N ILE A 173 3.42 4.02 -17.82
CA ILE A 173 2.45 4.99 -18.29
C ILE A 173 1.48 4.33 -19.26
N ARG A 174 1.99 3.47 -20.14
CA ARG A 174 1.10 2.76 -21.04
C ARG A 174 0.16 1.84 -20.26
N LEU A 175 0.69 1.15 -19.24
CA LEU A 175 -0.16 0.28 -18.42
C LEU A 175 -1.21 1.09 -17.66
N GLY A 176 -0.82 2.21 -17.05
CA GLY A 176 -1.78 3.01 -16.30
C GLY A 176 -2.86 3.60 -17.18
N LEU A 177 -2.50 3.95 -18.43
CA LEU A 177 -3.49 4.37 -19.40
C LEU A 177 -4.46 3.25 -19.71
N ALA A 178 -3.94 2.04 -19.97
CA ALA A 178 -4.85 0.93 -20.24
C ALA A 178 -5.78 0.71 -19.05
N LEU A 179 -5.25 0.83 -17.83
CA LEU A 179 -6.09 0.63 -16.65
C LEU A 179 -7.22 1.67 -16.61
N ASN A 180 -6.88 2.94 -16.76
CA ASN A 180 -7.92 3.96 -16.63
C ASN A 180 -8.88 3.97 -17.81
N PHE A 181 -8.39 3.67 -19.02
CA PHE A 181 -9.28 3.54 -20.16
C PHE A 181 -10.25 2.38 -19.95
N SER A 182 -9.77 1.27 -19.36
CA SER A 182 -10.69 0.19 -19.09
C SER A 182 -11.74 0.59 -18.06
N VAL A 183 -11.34 1.38 -17.04
CA VAL A 183 -12.31 1.89 -16.07
C VAL A 183 -13.31 2.80 -16.77
N PHE A 184 -12.85 3.58 -17.74
CA PHE A 184 -13.76 4.45 -18.48
C PHE A 184 -14.81 3.61 -19.22
N TYR A 185 -14.37 2.55 -19.90
CA TYR A 185 -15.32 1.66 -20.56
C TYR A 185 -16.25 0.99 -19.56
N TYR A 186 -15.70 0.55 -18.43
CA TYR A 186 -16.51 -0.19 -17.46
C TYR A 186 -17.58 0.70 -16.83
N GLU A 187 -17.17 1.85 -16.28
CA GLU A 187 -18.02 2.71 -15.46
C GLU A 187 -18.76 3.78 -16.27
N ILE A 188 -18.05 4.47 -17.16
CA ILE A 188 -18.68 5.60 -17.86
C ILE A 188 -19.50 5.08 -19.03
N LEU A 189 -18.96 4.16 -19.81
CA LEU A 189 -19.68 3.61 -20.95
C LEU A 189 -20.46 2.34 -20.63
N ASN A 190 -20.41 1.85 -19.38
CA ASN A 190 -21.15 0.66 -18.95
C ASN A 190 -20.93 -0.50 -19.93
N SER A 191 -19.67 -0.73 -20.27
CA SER A 191 -19.29 -1.73 -21.27
C SER A 191 -18.30 -2.68 -20.64
N PRO A 192 -18.76 -3.57 -19.76
CA PRO A 192 -17.83 -4.39 -18.98
C PRO A 192 -17.03 -5.39 -19.81
N GLU A 193 -17.62 -5.93 -20.88
CA GLU A 193 -16.87 -6.88 -21.70
C GLU A 193 -15.76 -6.19 -22.48
N LYS A 194 -16.05 -5.01 -23.06
CA LYS A 194 -14.95 -4.29 -23.70
C LYS A 194 -13.90 -3.87 -22.69
N ALA A 195 -14.30 -3.51 -21.48
CA ALA A 195 -13.33 -3.15 -20.44
C ALA A 195 -12.45 -4.33 -20.07
N CYS A 196 -13.07 -5.50 -19.87
CA CYS A 196 -12.30 -6.70 -19.57
C CYS A 196 -11.36 -7.05 -20.72
N SER A 197 -11.83 -6.92 -21.96
CA SER A 197 -10.99 -7.27 -23.10
C SER A 197 -9.75 -6.38 -23.16
N LEU A 198 -9.94 -5.08 -22.92
CA LEU A 198 -8.82 -4.14 -22.90
C LEU A 198 -7.85 -4.51 -21.81
N ALA A 199 -8.36 -4.69 -20.58
CA ALA A 199 -7.50 -4.95 -19.45
C ALA A 199 -6.77 -6.27 -19.63
N LYS A 200 -7.44 -7.26 -20.24
CA LYS A 200 -6.82 -8.57 -20.38
C LYS A 200 -5.72 -8.55 -21.43
N THR A 201 -5.91 -7.82 -22.53
CA THR A 201 -4.85 -7.71 -23.53
C THR A 201 -3.64 -6.98 -22.96
N ALA A 202 -3.90 -5.86 -22.28
CA ALA A 202 -2.81 -5.10 -21.65
C ALA A 202 -2.05 -5.97 -20.65
N PHE A 203 -2.79 -6.70 -19.82
CA PHE A 203 -2.13 -7.57 -18.84
C PHE A 203 -1.32 -8.66 -19.55
N ASP A 204 -1.93 -9.34 -20.51
CA ASP A 204 -1.26 -10.46 -21.17
C ASP A 204 -0.04 -10.01 -21.96
N GLU A 205 -0.16 -8.87 -22.66
CA GLU A 205 1.00 -8.42 -23.43
C GLU A 205 2.13 -7.94 -22.52
N ALA A 206 1.79 -7.35 -21.38
CA ALA A 206 2.83 -6.96 -20.44
C ALA A 206 3.50 -8.19 -19.82
N ILE A 207 2.72 -9.21 -19.46
CA ILE A 207 3.27 -10.41 -18.81
C ILE A 207 4.24 -11.11 -19.75
N ALA A 208 3.86 -11.23 -21.03
CA ALA A 208 4.72 -11.90 -22.00
C ALA A 208 6.05 -11.18 -22.16
N GLU A 209 6.02 -9.85 -22.22
CA GLU A 209 7.26 -9.11 -22.31
C GLU A 209 8.03 -9.16 -20.99
N LEU A 210 7.32 -9.09 -19.86
CA LEU A 210 7.96 -9.10 -18.55
C LEU A 210 8.79 -10.35 -18.35
N ASP A 211 8.35 -11.48 -18.92
CA ASP A 211 9.05 -12.75 -18.77
C ASP A 211 10.46 -12.69 -19.33
N THR A 212 10.75 -11.76 -20.25
CA THR A 212 12.09 -11.61 -20.78
C THR A 212 12.97 -10.68 -19.94
N LEU A 213 12.42 -10.03 -18.92
CA LEU A 213 13.08 -8.92 -18.26
C LEU A 213 13.37 -9.25 -16.79
N ASN A 214 14.24 -8.43 -16.20
CA ASN A 214 14.46 -8.46 -14.75
C ASN A 214 13.33 -7.65 -14.10
N GLU A 215 12.39 -8.36 -13.44
CA GLU A 215 11.19 -7.71 -12.92
C GLU A 215 11.50 -6.71 -11.83
N GLU A 216 12.69 -6.78 -11.21
CA GLU A 216 13.05 -5.86 -10.14
C GLU A 216 13.15 -4.43 -10.62
N SER A 217 13.37 -4.20 -11.91
CA SER A 217 13.45 -2.86 -12.46
C SER A 217 12.11 -2.35 -12.96
N TYR A 218 11.02 -3.10 -12.73
CA TYR A 218 9.71 -2.73 -13.24
C TYR A 218 8.64 -2.88 -12.16
N LYS A 219 8.97 -2.53 -10.93
CA LYS A 219 7.99 -2.69 -9.85
C LYS A 219 6.79 -1.79 -10.05
N ASP A 220 6.97 -0.64 -10.68
CA ASP A 220 5.81 0.21 -10.96
C ASP A 220 4.91 -0.44 -11.99
N SER A 221 5.49 -1.13 -12.98
CA SER A 221 4.68 -1.90 -13.93
C SER A 221 3.94 -3.03 -13.23
N THR A 222 4.63 -3.82 -12.41
CA THR A 222 3.97 -4.99 -11.82
C THR A 222 2.87 -4.57 -10.86
N LEU A 223 3.01 -3.44 -10.18
CA LEU A 223 1.93 -2.94 -9.35
C LEU A 223 0.67 -2.68 -10.18
N ILE A 224 0.83 -2.05 -11.34
CA ILE A 224 -0.32 -1.73 -12.17
C ILE A 224 -0.90 -2.99 -12.80
N MET A 225 -0.04 -3.95 -13.17
CA MET A 225 -0.57 -5.20 -13.69
C MET A 225 -1.43 -5.91 -12.65
N GLN A 226 -1.04 -5.80 -11.38
CA GLN A 226 -1.88 -6.38 -10.33
C GLN A 226 -3.22 -5.65 -10.24
N LEU A 227 -3.23 -4.33 -10.45
CA LEU A 227 -4.50 -3.60 -10.48
C LEU A 227 -5.37 -4.07 -11.64
N LEU A 228 -4.77 -4.26 -12.82
CA LEU A 228 -5.51 -4.86 -13.93
C LEU A 228 -6.10 -6.21 -13.53
N ARG A 229 -5.30 -7.07 -12.91
CA ARG A 229 -5.79 -8.38 -12.52
CA ARG A 229 -5.79 -8.38 -12.52
C ARG A 229 -6.90 -8.29 -11.47
N ASP A 230 -6.79 -7.34 -10.55
CA ASP A 230 -7.83 -7.19 -9.54
C ASP A 230 -9.15 -6.73 -10.16
N ASN A 231 -9.10 -5.77 -11.09
CA ASN A 231 -10.31 -5.38 -11.81
C ASN A 231 -10.89 -6.56 -12.59
N LEU A 232 -10.03 -7.33 -13.26
CA LEU A 232 -10.54 -8.49 -13.99
C LEU A 232 -11.26 -9.44 -13.05
N THR A 233 -10.69 -9.69 -11.87
CA THR A 233 -11.36 -10.53 -10.88
C THR A 233 -12.73 -9.95 -10.52
N LEU A 234 -12.76 -8.65 -10.21
CA LEU A 234 -14.01 -8.01 -9.81
C LEU A 234 -15.06 -8.09 -10.90
N TRP A 235 -14.65 -7.93 -12.16
CA TRP A 235 -15.57 -7.75 -13.26
C TRP A 235 -16.04 -9.06 -13.88
N THR A 236 -15.41 -10.18 -13.54
CA THR A 236 -15.73 -11.45 -14.18
C THR A 236 -16.53 -12.38 -13.27
N MET B 3 -29.31 29.67 0.65
CA MET B 3 -29.84 30.81 1.39
C MET B 3 -28.75 31.56 2.16
N GLY B 4 -28.43 31.08 3.35
CA GLY B 4 -27.38 31.65 4.18
C GLY B 4 -27.70 31.35 5.63
N SER B 5 -26.65 31.22 6.45
CA SER B 5 -26.82 30.74 7.81
C SER B 5 -27.74 31.66 8.61
N MET B 6 -27.72 32.96 8.32
CA MET B 6 -28.52 33.90 9.09
C MET B 6 -30.00 33.87 8.71
N THR B 7 -30.41 32.99 7.80
CA THR B 7 -31.82 32.77 7.53
C THR B 7 -32.20 31.30 7.72
N MET B 8 -31.39 30.52 8.43
CA MET B 8 -31.62 29.10 8.60
C MET B 8 -32.03 28.81 10.03
N ASP B 9 -32.98 27.90 10.19
CA ASP B 9 -33.33 27.45 11.52
C ASP B 9 -32.24 26.52 12.06
N LYS B 10 -32.19 26.40 13.38
CA LYS B 10 -31.19 25.56 14.00
C LYS B 10 -31.26 24.13 13.49
N SER B 11 -32.48 23.63 13.25
CA SER B 11 -32.61 22.26 12.75
C SER B 11 -31.97 22.10 11.38
N GLU B 12 -32.06 23.11 10.51
CA GLU B 12 -31.43 23.00 9.20
C GLU B 12 -29.92 23.02 9.31
N LEU B 13 -29.38 23.85 10.21
CA LEU B 13 -27.93 23.90 10.38
C LEU B 13 -27.41 22.58 10.95
N VAL B 14 -28.15 21.97 11.88
CA VAL B 14 -27.72 20.67 12.40
C VAL B 14 -27.76 19.61 11.31
N GLN B 15 -28.80 19.63 10.47
CA GLN B 15 -28.83 18.68 9.37
C GLN B 15 -27.64 18.89 8.43
N LYS B 16 -27.27 20.15 8.18
CA LYS B 16 -26.10 20.45 7.35
C LYS B 16 -24.83 19.91 8.00
N ALA B 17 -24.71 20.09 9.32
CA ALA B 17 -23.54 19.58 10.04
C ALA B 17 -23.45 18.06 9.94
N LYS B 18 -24.58 17.35 10.06
CA LYS B 18 -24.51 15.89 9.97
C LYS B 18 -24.12 15.44 8.56
N LEU B 19 -24.58 16.14 7.53
CA LEU B 19 -24.18 15.81 6.16
C LEU B 19 -22.69 16.06 5.98
N ALA B 20 -22.22 17.21 6.44
CA ALA B 20 -20.80 17.55 6.32
C ALA B 20 -19.92 16.53 7.01
N GLU B 21 -20.34 16.07 8.20
CA GLU B 21 -19.57 15.05 8.92
C GLU B 21 -19.44 13.77 8.09
N GLN B 22 -20.55 13.33 7.48
CA GLN B 22 -20.51 12.09 6.69
C GLN B 22 -19.59 12.25 5.50
N ALA B 23 -19.58 13.44 4.91
CA ALA B 23 -18.78 13.79 3.75
C ALA B 23 -17.34 14.09 4.12
N GLU B 24 -16.99 14.00 5.40
CA GLU B 24 -15.66 14.31 5.92
C GLU B 24 -15.26 15.72 5.53
N ARG B 25 -16.23 16.63 5.57
CA ARG B 25 -16.00 18.04 5.26
C ARG B 25 -16.15 18.78 6.58
N TYR B 26 -15.11 18.69 7.42
CA TYR B 26 -15.21 19.18 8.78
C TYR B 26 -15.19 20.70 8.89
N ASP B 27 -14.56 21.40 7.92
CA ASP B 27 -14.67 22.85 7.95
C ASP B 27 -16.13 23.28 7.74
N ASP B 28 -16.85 22.63 6.82
CA ASP B 28 -18.28 22.93 6.64
C ASP B 28 -19.06 22.58 7.91
N MET B 29 -18.70 21.47 8.56
CA MET B 29 -19.41 21.03 9.74
C MET B 29 -19.24 22.03 10.86
N ALA B 30 -18.01 22.53 11.05
CA ALA B 30 -17.77 23.50 12.12
C ALA B 30 -18.50 24.80 11.82
N ALA B 31 -18.53 25.22 10.55
CA ALA B 31 -19.23 26.47 10.24
C ALA B 31 -20.71 26.39 10.55
N ALA B 32 -21.34 25.25 10.25
CA ALA B 32 -22.76 25.08 10.57
C ALA B 32 -22.98 25.13 12.08
N MET B 33 -22.14 24.43 12.84
CA MET B 33 -22.35 24.38 14.28
C MET B 33 -21.94 25.68 14.96
N LYS B 34 -20.98 26.41 14.38
CA LYS B 34 -20.71 27.76 14.85
C LYS B 34 -21.94 28.64 14.72
N ALA B 35 -22.63 28.58 13.58
CA ALA B 35 -23.86 29.37 13.40
C ALA B 35 -24.96 28.93 14.37
N VAL B 36 -25.08 27.61 14.62
CA VAL B 36 -26.02 27.13 15.64
C VAL B 36 -25.71 27.78 16.98
N THR B 37 -24.42 27.73 17.38
CA THR B 37 -24.02 28.27 18.67
C THR B 37 -24.33 29.76 18.78
N GLU B 38 -24.13 30.47 17.68
CA GLU B 38 -24.29 31.92 17.69
C GLU B 38 -25.74 32.36 17.75
N GLN B 39 -26.69 31.43 17.59
CA GLN B 39 -28.10 31.79 17.80
C GLN B 39 -28.40 32.04 19.26
N GLY B 40 -27.53 31.57 20.16
CA GLY B 40 -27.61 31.91 21.56
C GLY B 40 -28.40 30.98 22.45
N HIS B 41 -28.96 29.90 21.93
CA HIS B 41 -29.63 28.92 22.77
C HIS B 41 -28.58 28.03 23.43
N GLU B 42 -28.90 27.51 24.61
CA GLU B 42 -28.04 26.49 25.20
C GLU B 42 -28.07 25.26 24.30
N LEU B 43 -26.89 24.72 23.99
CA LEU B 43 -26.81 23.59 23.08
C LEU B 43 -27.33 22.30 23.71
N SER B 44 -28.07 21.53 22.93
CA SER B 44 -28.44 20.19 23.35
C SER B 44 -27.18 19.31 23.41
N ASN B 45 -27.33 18.13 24.03
CA ASN B 45 -26.24 17.17 24.04
C ASN B 45 -25.76 16.85 22.63
N GLU B 46 -26.71 16.62 21.72
CA GLU B 46 -26.36 16.28 20.33
C GLU B 46 -25.65 17.44 19.64
N GLU B 47 -26.16 18.65 19.80
CA GLU B 47 -25.51 19.83 19.24
C GLU B 47 -24.11 20.02 19.83
N ARG B 48 -23.96 19.84 21.15
CA ARG B 48 -22.64 19.97 21.74
C ARG B 48 -21.66 18.96 21.14
N ASN B 49 -22.10 17.72 20.95
CA ASN B 49 -21.24 16.69 20.38
C ASN B 49 -20.83 17.05 18.95
N LEU B 50 -21.79 17.52 18.14
CA LEU B 50 -21.48 17.91 16.76
C LEU B 50 -20.49 19.06 16.72
N LEU B 51 -20.71 20.09 17.55
CA LEU B 51 -19.79 21.22 17.58
C LEU B 51 -18.38 20.77 18.00
N SER B 52 -18.29 19.95 19.05
CA SER B 52 -16.96 19.60 19.55
CA SER B 52 -16.98 19.54 19.58
C SER B 52 -16.24 18.65 18.60
N VAL B 53 -16.95 17.71 17.98
CA VAL B 53 -16.31 16.81 17.01
C VAL B 53 -15.82 17.61 15.81
N ALA B 54 -16.63 18.57 15.35
CA ALA B 54 -16.26 19.36 14.20
C ALA B 54 -14.96 20.10 14.44
N TYR B 55 -14.89 20.85 15.54
CA TYR B 55 -13.68 21.62 15.79
C TYR B 55 -12.50 20.73 16.18
N LYS B 56 -12.74 19.59 16.82
CA LYS B 56 -11.66 18.66 17.11
C LYS B 56 -10.96 18.26 15.83
N ASN B 57 -11.74 18.02 14.79
CA ASN B 57 -11.16 17.62 13.51
C ASN B 57 -10.57 18.79 12.74
N VAL B 58 -11.22 19.96 12.78
CA VAL B 58 -10.67 21.14 12.11
C VAL B 58 -9.33 21.52 12.73
N VAL B 59 -9.28 21.68 14.05
CA VAL B 59 -8.01 22.05 14.65
C VAL B 59 -7.04 20.87 14.58
N GLY B 60 -7.55 19.64 14.66
CA GLY B 60 -6.69 18.46 14.66
C GLY B 60 -5.93 18.30 13.35
N ALA B 61 -6.54 18.64 12.23
CA ALA B 61 -5.79 18.60 10.98
C ALA B 61 -4.61 19.55 11.04
N ARG B 62 -4.80 20.74 11.61
CA ARG B 62 -3.69 21.69 11.63
C ARG B 62 -2.62 21.26 12.62
N ARG B 63 -3.03 20.69 13.77
CA ARG B 63 -2.04 20.24 14.73
C ARG B 63 -1.18 19.13 14.13
N SER B 64 -1.82 18.22 13.42
CA SER B 64 -1.07 17.14 12.80
C SER B 64 -0.12 17.67 11.74
N SER B 65 -0.58 18.59 10.89
CA SER B 65 0.29 19.17 9.86
C SER B 65 1.44 19.94 10.50
N TRP B 66 1.18 20.67 11.59
CA TRP B 66 2.22 21.42 12.27
C TRP B 66 3.29 20.49 12.83
N ARG B 67 2.88 19.36 13.39
CA ARG B 67 3.88 18.42 13.89
C ARG B 67 4.74 17.87 12.74
N VAL B 68 4.11 17.60 11.60
CA VAL B 68 4.86 17.01 10.48
C VAL B 68 5.89 17.99 9.95
N ILE B 69 5.46 19.24 9.75
CA ILE B 69 6.37 20.26 9.24
C ILE B 69 7.45 20.56 10.27
N SER B 70 7.09 20.57 11.55
CA SER B 70 8.11 20.83 12.56
C SER B 70 9.17 19.75 12.56
N SER B 71 8.75 18.49 12.42
CA SER B 71 9.70 17.38 12.36
C SER B 71 10.61 17.51 11.15
N ILE B 72 10.07 17.98 10.02
CA ILE B 72 10.89 18.15 8.81
C ILE B 72 11.91 19.25 9.02
N GLU B 73 11.53 20.33 9.71
CA GLU B 73 12.41 21.47 9.88
C GLU B 73 13.72 21.08 10.55
N GLN B 74 13.64 20.31 11.64
CA GLN B 74 14.85 19.92 12.35
C GLN B 74 15.66 18.85 11.61
N LYS B 75 15.12 18.30 10.53
CA LYS B 75 15.86 17.37 9.68
C LYS B 75 16.46 18.04 8.44
N THR B 76 16.28 19.36 8.28
CA THR B 76 16.84 20.11 7.15
C THR B 76 17.46 21.42 7.64
N GLU B 77 18.13 21.39 8.79
CA GLU B 77 18.66 22.61 9.40
C GLU B 77 19.96 23.10 8.75
N ARG B 78 20.31 22.60 7.56
CA ARG B 78 21.60 22.95 6.94
C ARG B 78 21.45 23.50 5.53
N ASN B 79 20.25 23.92 5.14
CA ASN B 79 20.07 24.56 3.84
C ASN B 79 19.14 25.76 4.00
N GLU B 80 19.60 26.92 3.56
CA GLU B 80 18.93 28.17 3.89
C GLU B 80 17.57 28.29 3.21
N LYS B 81 17.48 27.94 1.92
CA LYS B 81 16.23 28.14 1.20
C LYS B 81 15.16 27.16 1.69
N LYS B 82 15.54 25.92 1.99
CA LYS B 82 14.58 24.94 2.49
C LYS B 82 14.19 25.26 3.93
N GLN B 83 15.14 25.72 4.73
CA GLN B 83 14.83 26.12 6.10
C GLN B 83 13.82 27.26 6.12
N GLN B 84 13.99 28.27 5.25
CA GLN B 84 13.07 29.39 5.29
C GLN B 84 11.72 29.01 4.69
N MET B 85 11.72 28.13 3.68
CA MET B 85 10.44 27.62 3.18
C MET B 85 9.70 26.86 4.28
N GLY B 86 10.41 26.01 5.02
CA GLY B 86 9.76 25.28 6.11
C GLY B 86 9.23 26.20 7.18
N LYS B 87 10.00 27.24 7.52
CA LYS B 87 9.56 28.19 8.55
C LYS B 87 8.30 28.94 8.13
N GLU B 88 8.27 29.41 6.88
CA GLU B 88 7.12 30.15 6.39
C GLU B 88 5.88 29.27 6.30
N TYR B 89 6.05 28.03 5.83
CA TYR B 89 4.92 27.11 5.76
C TYR B 89 4.43 26.77 7.16
N ARG B 90 5.33 26.56 8.11
CA ARG B 90 4.89 26.30 9.47
C ARG B 90 4.14 27.50 10.02
N GLU B 91 4.64 28.71 9.78
CA GLU B 91 3.94 29.91 10.25
C GLU B 91 2.56 30.04 9.60
N LYS B 92 2.40 29.60 8.36
CA LYS B 92 1.09 29.65 7.72
C LYS B 92 0.11 28.72 8.43
N ILE B 93 0.58 27.52 8.78
CA ILE B 93 -0.24 26.56 9.53
C ILE B 93 -0.54 27.10 10.93
N GLU B 94 0.46 27.65 11.60
CA GLU B 94 0.24 28.24 12.91
C GLU B 94 -0.85 29.30 12.85
N ALA B 95 -0.86 30.12 11.79
CA ALA B 95 -1.85 31.18 11.71
C ALA B 95 -3.26 30.61 11.55
N GLU B 96 -3.40 29.51 10.79
CA GLU B 96 -4.71 28.86 10.68
C GLU B 96 -5.14 28.28 12.01
N LEU B 97 -4.22 27.60 12.67
CA LEU B 97 -4.52 27.00 13.96
C LEU B 97 -4.97 28.07 14.96
N GLN B 98 -4.28 29.21 14.96
CA GLN B 98 -4.62 30.27 15.89
C GLN B 98 -5.99 30.87 15.57
N ASP B 99 -6.31 31.04 14.28
CA ASP B 99 -7.66 31.50 13.93
C ASP B 99 -8.74 30.52 14.39
N ILE B 100 -8.51 29.22 14.18
CA ILE B 100 -9.48 28.20 14.63
C ILE B 100 -9.67 28.28 16.13
N CYS B 101 -8.57 28.24 16.90
CA CYS B 101 -8.70 28.29 18.35
C CYS B 101 -9.35 29.57 18.84
N ASN B 102 -9.00 30.70 18.23
CA ASN B 102 -9.64 31.95 18.64
C ASN B 102 -11.14 31.94 18.38
N ASP B 103 -11.57 31.35 17.26
CA ASP B 103 -13.01 31.20 17.01
C ASP B 103 -13.68 30.35 18.08
N VAL B 104 -13.06 29.23 18.45
CA VAL B 104 -13.65 28.38 19.48
C VAL B 104 -13.69 29.11 20.81
N LEU B 105 -12.60 29.79 21.16
CA LEU B 105 -12.52 30.47 22.46
C LEU B 105 -13.54 31.59 22.52
N GLU B 106 -13.79 32.24 21.38
CA GLU B 106 -14.83 33.26 21.34
C GLU B 106 -16.22 32.65 21.53
N LEU B 107 -16.49 31.50 20.90
CA LEU B 107 -17.76 30.83 21.15
C LEU B 107 -17.91 30.47 22.61
N LEU B 108 -16.82 29.98 23.22
CA LEU B 108 -16.91 29.58 24.63
C LEU B 108 -17.24 30.78 25.51
N ASP B 109 -16.54 31.88 25.31
CA ASP B 109 -16.73 33.02 26.23
C ASP B 109 -18.03 33.75 25.99
N LYS B 110 -18.49 33.82 24.74
CA LYS B 110 -19.68 34.62 24.43
C LYS B 110 -20.98 33.83 24.56
N TYR B 111 -20.94 32.52 24.32
CA TYR B 111 -22.18 31.75 24.27
C TYR B 111 -22.17 30.54 25.19
N LEU B 112 -21.17 29.67 25.01
CA LEU B 112 -21.23 28.33 25.61
C LEU B 112 -21.13 28.39 27.13
N ILE B 113 -20.12 29.06 27.65
CA ILE B 113 -19.92 29.12 29.10
C ILE B 113 -21.02 29.94 29.76
N PRO B 114 -21.41 31.11 29.24
CA PRO B 114 -22.50 31.85 29.91
C PRO B 114 -23.85 31.15 29.83
N ASN B 115 -24.12 30.35 28.80
CA ASN B 115 -25.39 29.64 28.71
C ASN B 115 -25.41 28.33 29.48
N ALA B 116 -24.28 27.87 29.99
CA ALA B 116 -24.23 26.59 30.67
C ALA B 116 -24.97 26.69 31.99
N THR B 117 -26.05 25.92 32.13
CA THR B 117 -26.85 26.00 33.34
C THR B 117 -26.49 24.94 34.38
N GLN B 118 -26.00 23.77 33.94
CA GLN B 118 -25.66 22.75 34.94
C GLN B 118 -24.14 22.71 35.15
N PRO B 119 -23.70 22.34 36.35
CA PRO B 119 -22.25 22.15 36.59
C PRO B 119 -21.55 21.23 35.60
N GLU B 120 -22.17 20.12 35.18
CA GLU B 120 -21.51 19.24 34.22
CA GLU B 120 -21.51 19.24 34.22
C GLU B 120 -21.19 19.98 32.94
N SER B 121 -22.13 20.80 32.46
CA SER B 121 -21.91 21.58 31.25
C SER B 121 -20.82 22.62 31.45
N LYS B 122 -20.83 23.30 32.61
CA LYS B 122 -19.79 24.29 32.89
C LYS B 122 -18.41 23.65 32.90
N VAL B 123 -18.28 22.47 33.51
CA VAL B 123 -16.98 21.79 33.51
C VAL B 123 -16.59 21.41 32.09
N PHE B 124 -17.55 20.88 31.32
CA PHE B 124 -17.23 20.51 29.94
C PHE B 124 -16.65 21.68 29.18
N TYR B 125 -17.32 22.84 29.22
CA TYR B 125 -16.86 23.95 28.40
C TYR B 125 -15.60 24.59 28.97
N LEU B 126 -15.40 24.52 30.28
CA LEU B 126 -14.15 25.05 30.83
C LEU B 126 -12.98 24.15 30.44
N LYS B 127 -13.19 22.83 30.46
CA LYS B 127 -12.19 21.92 29.92
C LYS B 127 -11.90 22.26 28.46
N MET B 128 -12.96 22.54 27.70
CA MET B 128 -12.75 22.86 26.29
C MET B 128 -11.94 24.13 26.14
N LYS B 129 -12.22 25.14 26.98
CA LYS B 129 -11.38 26.34 27.02
C LYS B 129 -9.94 26.00 27.35
N GLY B 130 -9.73 25.13 28.35
CA GLY B 130 -8.37 24.73 28.67
C GLY B 130 -7.71 24.04 27.50
N ASP B 131 -8.46 23.17 26.81
CA ASP B 131 -7.93 22.42 25.68
C ASP B 131 -7.49 23.35 24.56
N TYR B 132 -8.34 24.32 24.20
CA TYR B 132 -7.98 25.12 23.03
C TYR B 132 -6.91 26.16 23.36
N PHE B 133 -6.86 26.66 24.61
CA PHE B 133 -5.67 27.42 24.99
C PHE B 133 -4.43 26.52 25.05
N ARG B 134 -4.60 25.24 25.35
CA ARG B 134 -3.47 24.32 25.29
C ARG B 134 -2.97 24.16 23.86
N TYR B 135 -3.89 24.07 22.91
CA TYR B 135 -3.48 23.94 21.51
C TYR B 135 -2.78 25.22 21.04
N LEU B 136 -3.26 26.41 21.47
CA LEU B 136 -2.49 27.61 21.19
C LEU B 136 -1.10 27.52 21.81
N SER B 137 -1.02 26.97 23.02
CA SER B 137 0.25 26.89 23.73
C SER B 137 1.21 25.98 23.01
N GLU B 138 0.70 24.96 22.32
CA GLU B 138 1.56 24.04 21.59
C GLU B 138 2.39 24.75 20.53
N VAL B 139 1.89 25.85 19.98
CA VAL B 139 2.58 26.57 18.91
C VAL B 139 2.94 27.99 19.29
N ALA B 140 2.69 28.38 20.54
CA ALA B 140 2.79 29.79 20.90
C ALA B 140 4.22 30.30 20.76
N SER B 141 4.34 31.53 20.30
CA SER B 141 5.63 32.18 20.27
C SER B 141 6.16 32.39 21.69
N GLY B 142 7.46 32.68 21.78
CA GLY B 142 8.04 32.93 23.09
C GLY B 142 7.39 34.09 23.79
N ASP B 143 6.98 35.12 23.05
CA ASP B 143 6.40 36.30 23.69
C ASP B 143 5.01 36.03 24.22
N ASN B 144 4.27 35.14 23.56
CA ASN B 144 2.88 34.88 23.92
C ASN B 144 2.69 33.65 24.80
N LYS B 145 3.73 32.83 24.95
CA LYS B 145 3.51 31.53 25.57
C LYS B 145 3.06 31.66 27.02
N GLN B 146 3.63 32.60 27.77
CA GLN B 146 3.27 32.70 29.18
C GLN B 146 1.77 32.99 29.34
N THR B 147 1.21 33.88 28.51
CA THR B 147 -0.21 34.18 28.65
C THR B 147 -1.09 33.02 28.17
N THR B 148 -0.74 32.35 27.07
CA THR B 148 -1.61 31.27 26.62
C THR B 148 -1.55 30.12 27.60
N VAL B 149 -0.36 29.84 28.13
CA VAL B 149 -0.22 28.78 29.11
C VAL B 149 -1.00 29.11 30.38
N SER B 150 -0.88 30.36 30.85
CA SER B 150 -1.64 30.80 32.03
C SER B 150 -3.14 30.69 31.79
N ASN B 151 -3.61 31.15 30.64
CA ASN B 151 -5.03 31.05 30.31
C ASN B 151 -5.50 29.60 30.28
N SER B 152 -4.68 28.69 29.74
CA SER B 152 -5.04 27.29 29.73
C SER B 152 -5.16 26.77 31.16
N GLN B 153 -4.15 27.05 31.98
CA GLN B 153 -4.15 26.57 33.36
C GLN B 153 -5.34 27.13 34.14
N GLN B 154 -5.66 28.40 33.94
CA GLN B 154 -6.76 29.01 34.71
CA GLN B 154 -6.76 29.02 34.70
C GLN B 154 -8.10 28.37 34.37
N ALA B 155 -8.32 28.05 33.09
CA ALA B 155 -9.57 27.41 32.68
C ALA B 155 -9.64 25.99 33.22
N TYR B 156 -8.54 25.24 33.12
CA TYR B 156 -8.52 23.87 33.61
C TYR B 156 -8.73 23.84 35.12
N GLN B 157 -8.13 24.82 35.81
CA GLN B 157 -8.21 24.84 37.27
C GLN B 157 -9.62 25.17 37.74
N GLU B 158 -10.28 26.13 37.09
CA GLU B 158 -11.67 26.43 37.42
C GLU B 158 -12.56 25.22 37.14
N ALA B 159 -12.36 24.55 36.01
CA ALA B 159 -13.06 23.30 35.76
C ALA B 159 -12.77 22.29 36.86
N PHE B 160 -11.50 22.22 37.26
CA PHE B 160 -11.07 21.21 38.23
C PHE B 160 -11.72 21.45 39.59
N GLU B 161 -11.80 22.71 40.00
CA GLU B 161 -12.42 23.01 41.29
C GLU B 161 -13.91 22.73 41.28
N ILE B 162 -14.62 23.13 40.20
CA ILE B 162 -16.04 22.81 40.10
C ILE B 162 -16.26 21.31 40.07
N SER B 163 -15.47 20.58 39.27
CA SER B 163 -15.69 19.15 39.13
C SER B 163 -15.50 18.42 40.46
N LYS B 164 -14.52 18.83 41.26
CA LYS B 164 -14.33 18.18 42.55
C LYS B 164 -15.50 18.48 43.50
N LYS B 165 -16.10 19.66 43.39
CA LYS B 165 -17.22 20.02 44.26
C LYS B 165 -18.53 19.38 43.81
N GLU B 166 -18.76 19.31 42.49
CA GLU B 166 -20.11 19.04 41.99
C GLU B 166 -20.28 17.71 41.28
N MET B 167 -19.22 16.92 41.11
CA MET B 167 -19.33 15.74 40.26
C MET B 167 -18.67 14.53 40.91
N GLN B 168 -19.24 13.37 40.62
CA GLN B 168 -18.68 12.12 41.14
C GLN B 168 -17.30 11.87 40.55
N PRO B 169 -16.38 11.30 41.32
CA PRO B 169 -15.06 10.96 40.79
C PRO B 169 -15.13 10.09 39.55
N THR B 170 -16.22 9.36 39.38
CA THR B 170 -16.42 8.43 38.29
C THR B 170 -16.94 9.11 37.01
N HIS B 171 -17.44 10.35 37.11
CA HIS B 171 -18.03 11.03 35.95
C HIS B 171 -17.00 11.16 34.83
N PRO B 172 -17.32 10.73 33.60
CA PRO B 172 -16.32 10.76 32.53
C PRO B 172 -15.81 12.16 32.19
N ILE B 173 -16.60 13.20 32.43
CA ILE B 173 -16.13 14.55 32.16
C ILE B 173 -15.13 14.98 33.24
N ARG B 174 -15.38 14.57 34.49
CA ARG B 174 -14.38 14.80 35.53
C ARG B 174 -13.11 14.01 35.25
N LEU B 175 -13.25 12.74 34.83
CA LEU B 175 -12.08 11.96 34.46
C LEU B 175 -11.38 12.54 33.24
N GLY B 176 -12.15 13.00 32.25
CA GLY B 176 -11.54 13.54 31.04
C GLY B 176 -10.82 14.85 31.29
N LEU B 177 -11.37 15.69 32.16
CA LEU B 177 -10.67 16.88 32.62
C LEU B 177 -9.34 16.50 33.26
N ALA B 178 -9.35 15.51 34.16
CA ALA B 178 -8.11 15.14 34.82
C ALA B 178 -7.09 14.64 33.81
N LEU B 179 -7.53 13.83 32.85
CA LEU B 179 -6.62 13.36 31.81
C LEU B 179 -5.98 14.52 31.08
N ASN B 180 -6.79 15.44 30.56
CA ASN B 180 -6.24 16.49 29.72
C ASN B 180 -5.44 17.50 30.56
N PHE B 181 -5.90 17.80 31.78
CA PHE B 181 -5.15 18.70 32.64
C PHE B 181 -3.79 18.12 32.98
N SER B 182 -3.74 16.80 33.20
CA SER B 182 -2.43 16.18 33.47
C SER B 182 -1.53 16.25 32.25
N VAL B 183 -2.10 16.06 31.04
CA VAL B 183 -1.31 16.27 29.82
C VAL B 183 -0.78 17.70 29.77
N PHE B 184 -1.63 18.66 30.13
CA PHE B 184 -1.17 20.05 30.19
C PHE B 184 0.02 20.20 31.12
N TYR B 185 -0.06 19.60 32.32
CA TYR B 185 1.03 19.74 33.28
C TYR B 185 2.32 19.10 32.74
N TYR B 186 2.20 17.92 32.13
CA TYR B 186 3.38 17.19 31.66
C TYR B 186 4.01 17.87 30.47
N GLU B 187 3.21 18.16 29.44
CA GLU B 187 3.75 18.56 28.15
C GLU B 187 3.89 20.07 28.03
N ILE B 188 2.96 20.83 28.59
CA ILE B 188 3.01 22.29 28.44
C ILE B 188 3.78 22.92 29.59
N LEU B 189 3.42 22.59 30.81
CA LEU B 189 4.08 23.14 31.98
C LEU B 189 5.35 22.39 32.35
N ASN B 190 5.67 21.29 31.64
CA ASN B 190 6.88 20.51 31.89
C ASN B 190 7.02 20.17 33.37
N SER B 191 5.89 19.79 33.99
CA SER B 191 5.81 19.50 35.42
C SER B 191 5.32 18.06 35.58
N PRO B 192 6.18 17.08 35.31
CA PRO B 192 5.72 15.69 35.25
C PRO B 192 5.31 15.11 36.59
N GLU B 193 5.94 15.54 37.68
CA GLU B 193 5.52 15.06 38.99
C GLU B 193 4.08 15.47 39.28
N LYS B 194 3.74 16.73 39.01
CA LYS B 194 2.36 17.17 39.19
C LYS B 194 1.42 16.46 38.23
N ALA B 195 1.88 16.22 36.99
CA ALA B 195 1.05 15.52 36.01
C ALA B 195 0.69 14.12 36.50
N CYS B 196 1.70 13.35 36.92
CA CYS B 196 1.43 12.01 37.43
C CYS B 196 0.62 12.03 38.71
N SER B 197 0.94 12.97 39.62
CA SER B 197 0.15 13.11 40.84
C SER B 197 -1.31 13.36 40.53
N LEU B 198 -1.58 14.25 39.56
CA LEU B 198 -2.96 14.56 39.21
C LEU B 198 -3.66 13.34 38.61
N ALA B 199 -3.00 12.61 37.73
CA ALA B 199 -3.65 11.50 37.03
C ALA B 199 -3.87 10.33 37.98
N LYS B 200 -2.88 10.05 38.84
CA LYS B 200 -3.02 8.95 39.78
C LYS B 200 -4.15 9.21 40.77
N THR B 201 -4.18 10.40 41.37
CA THR B 201 -5.24 10.72 42.31
C THR B 201 -6.62 10.63 41.67
N ALA B 202 -6.77 11.13 40.44
CA ALA B 202 -8.03 11.01 39.74
C ALA B 202 -8.42 9.54 39.54
N PHE B 203 -7.48 8.76 39.02
CA PHE B 203 -7.71 7.32 38.85
C PHE B 203 -8.08 6.65 40.16
N ASP B 204 -7.23 6.85 41.18
CA ASP B 204 -7.45 6.14 42.45
C ASP B 204 -8.76 6.56 43.10
N GLU B 205 -9.19 7.82 42.90
CA GLU B 205 -10.48 8.25 43.44
C GLU B 205 -11.65 7.59 42.71
N ALA B 206 -11.52 7.33 41.41
CA ALA B 206 -12.62 6.70 40.68
C ALA B 206 -12.68 5.19 40.95
N ILE B 207 -11.51 4.54 41.04
CA ILE B 207 -11.48 3.09 41.24
C ILE B 207 -12.13 2.71 42.56
N ALA B 208 -12.01 3.56 43.58
CA ALA B 208 -12.63 3.26 44.87
C ALA B 208 -14.15 3.33 44.79
N GLU B 209 -14.70 4.08 43.84
CA GLU B 209 -16.14 4.29 43.77
C GLU B 209 -16.81 3.49 42.67
N LEU B 210 -16.10 2.54 42.06
CA LEU B 210 -16.67 1.77 40.96
C LEU B 210 -17.80 0.85 41.42
N ASN B 214 -23.96 0.82 37.82
CA ASN B 214 -24.62 0.51 36.54
C ASN B 214 -23.62 -0.03 35.53
N GLU B 215 -24.07 -0.94 34.65
CA GLU B 215 -23.18 -1.50 33.65
C GLU B 215 -22.83 -0.48 32.57
N GLU B 216 -23.72 0.48 32.31
CA GLU B 216 -23.45 1.50 31.30
C GLU B 216 -22.60 2.63 31.86
N SER B 217 -22.80 3.00 33.12
CA SER B 217 -21.93 4.00 33.74
C SER B 217 -20.56 3.41 34.04
N TYR B 218 -20.47 2.09 34.23
CA TYR B 218 -19.18 1.44 34.44
C TYR B 218 -18.35 1.44 33.16
N LYS B 219 -19.00 1.24 32.01
CA LYS B 219 -18.26 1.16 30.75
C LYS B 219 -17.62 2.49 30.39
N ASP B 220 -18.38 3.58 30.46
CA ASP B 220 -17.87 4.88 30.03
C ASP B 220 -16.74 5.37 30.93
N SER B 221 -16.87 5.15 32.24
CA SER B 221 -15.86 5.65 33.16
C SER B 221 -14.55 4.89 33.02
N THR B 222 -14.62 3.58 32.76
CA THR B 222 -13.40 2.78 32.72
C THR B 222 -12.55 3.09 31.50
N LEU B 223 -13.18 3.53 30.40
N LEU B 223 -13.15 3.54 30.40
CA LEU B 223 -12.44 3.87 29.19
CA LEU B 223 -12.33 3.82 29.22
C LEU B 223 -11.42 4.97 29.46
C LEU B 223 -11.38 4.98 29.47
N ILE B 224 -11.86 6.05 30.10
CA ILE B 224 -10.97 7.16 30.39
C ILE B 224 -9.99 6.79 31.51
N MET B 225 -10.47 6.06 32.53
CA MET B 225 -9.57 5.57 33.56
C MET B 225 -8.41 4.79 32.95
N GLN B 226 -8.68 4.03 31.88
CA GLN B 226 -7.60 3.33 31.19
C GLN B 226 -6.64 4.30 30.52
N LEU B 227 -7.16 5.42 30.01
CA LEU B 227 -6.27 6.39 29.37
C LEU B 227 -5.35 7.05 30.41
N LEU B 228 -5.88 7.29 31.61
CA LEU B 228 -5.04 7.77 32.69
C LEU B 228 -3.92 6.78 32.97
N ARG B 229 -4.26 5.49 33.02
CA ARG B 229 -3.25 4.46 33.25
C ARG B 229 -2.19 4.44 32.14
N ASP B 230 -2.63 4.57 30.88
CA ASP B 230 -1.69 4.56 29.76
C ASP B 230 -0.70 5.72 29.82
N ASN B 231 -1.17 6.91 30.18
CA ASN B 231 -0.28 8.06 30.26
C ASN B 231 0.69 7.92 31.43
N LEU B 232 0.19 7.50 32.59
CA LEU B 232 1.05 7.23 33.73
C LEU B 232 2.13 6.22 33.37
N THR B 233 1.78 5.18 32.62
CA THR B 233 2.76 4.19 32.18
C THR B 233 3.80 4.82 31.27
N LEU B 234 3.35 5.58 30.27
CA LEU B 234 4.27 6.24 29.36
C LEU B 234 5.18 7.21 30.10
N TRP B 235 4.67 7.88 31.13
CA TRP B 235 5.40 8.97 31.74
C TRP B 235 6.38 8.48 32.80
N THR B 236 6.05 7.39 33.49
CA THR B 236 6.96 6.75 34.45
C THR B 236 7.73 5.61 33.81
N SER B 237 8.26 5.84 32.62
CA SER B 237 8.98 4.80 31.89
C SER B 237 10.41 5.22 31.57
N ILE C 2 -23.43 0.42 -6.14
CA ILE C 2 -22.03 0.74 -6.43
C ILE C 2 -21.31 -0.50 -6.97
N LEU C 3 -20.66 -0.32 -8.13
CA LEU C 3 -19.86 -1.39 -8.74
C LEU C 3 -18.38 -1.08 -8.55
N PRO C 4 -17.68 -1.90 -7.78
CA PRO C 4 -16.30 -1.55 -7.43
C PRO C 4 -15.36 -1.65 -8.62
N ARG C 5 -14.35 -0.80 -8.60
CA ARG C 5 -13.31 -0.82 -9.61
C ARG C 5 -12.15 0.02 -9.09
N ILE C 6 -10.96 -0.24 -9.62
CA ILE C 6 -9.76 0.48 -9.21
C ILE C 6 -9.13 1.21 -10.40
N SEP C 7 -8.92 2.53 -10.26
CA SEP C 7 -8.16 3.25 -11.28
CB SEP C 7 -8.82 4.60 -11.59
OG SEP C 7 -8.86 5.35 -10.40
C SEP C 7 -6.73 3.44 -10.78
O SEP C 7 -6.44 3.11 -9.63
P SEP C 7 -9.52 6.84 -10.58
O1P SEP C 7 -8.71 7.65 -11.69
O2P SEP C 7 -9.29 7.50 -9.14
O3P SEP C 7 -11.05 6.63 -11.01
N VAL C 8 -5.84 3.93 -11.62
CA VAL C 8 -4.42 3.85 -11.27
C VAL C 8 -4.09 4.74 -10.07
N ILE C 9 -3.24 4.22 -9.17
CA ILE C 9 -2.86 5.00 -7.99
C ILE C 9 -1.58 5.76 -8.28
N SER C 10 -1.19 6.64 -7.36
CA SER C 10 0.04 7.42 -7.51
C SER C 10 1.25 6.49 -7.66
N THR C 11 2.16 6.86 -8.55
CA THR C 11 3.30 6.02 -8.88
C THR C 11 4.64 6.58 -8.42
N GLY C 12 4.73 7.87 -8.12
CA GLY C 12 5.99 8.48 -7.74
C GLY C 12 6.90 8.71 -8.94
N ARG C 18 17.18 1.96 -12.95
CA ARG C 18 18.43 2.38 -12.32
C ARG C 18 19.46 1.24 -12.25
N ARG C 19 19.00 0.00 -12.50
CA ARG C 19 19.91 -1.13 -12.63
C ARG C 19 20.03 -1.49 -14.11
N ARG C 20 21.26 -1.78 -14.55
CA ARG C 20 21.46 -2.15 -15.94
C ARG C 20 20.58 -3.34 -16.30
N GLN C 21 20.21 -3.43 -17.57
CA GLN C 21 19.25 -4.43 -18.00
C GLN C 21 19.90 -5.54 -18.78
N SEP C 22 19.49 -6.79 -18.53
CA SEP C 22 19.85 -7.89 -19.41
CB SEP C 22 20.67 -8.93 -18.67
OG SEP C 22 19.97 -9.27 -17.50
C SEP C 22 18.54 -8.48 -19.93
O SEP C 22 17.47 -8.20 -19.37
P SEP C 22 20.68 -10.37 -16.59
O1P SEP C 22 21.03 -11.58 -17.55
O2P SEP C 22 21.99 -9.74 -15.91
O3P SEP C 22 19.55 -10.70 -15.51
N VAL C 23 18.59 -9.31 -20.96
CA VAL C 23 17.35 -9.80 -21.56
C VAL C 23 17.45 -11.29 -21.95
N LEU C 24 16.32 -11.97 -21.82
CA LEU C 24 16.13 -13.34 -22.28
C LEU C 24 15.24 -13.32 -23.51
N ASN C 25 15.63 -14.02 -24.58
CA ASN C 25 14.82 -14.07 -25.79
C ASN C 25 13.85 -15.24 -25.73
N LEU C 26 12.57 -14.97 -25.97
CA LEU C 26 11.53 -16.01 -25.99
C LEU C 26 10.89 -16.02 -27.37
N MET C 27 11.59 -16.61 -28.34
CA MET C 27 11.13 -16.61 -29.71
C MET C 27 9.91 -17.52 -29.83
N THR C 28 8.75 -16.93 -30.10
CA THR C 28 7.52 -17.68 -30.27
C THR C 28 7.48 -18.35 -31.64
N ARG D 5 -10.71 -9.67 -1.51
CA ARG D 5 -10.88 -9.38 -0.09
C ARG D 5 -9.53 -9.36 0.62
N ILE D 6 -9.47 -8.69 1.76
CA ILE D 6 -8.23 -8.60 2.50
C ILE D 6 -8.42 -9.31 3.83
N SEP D 7 -7.33 -9.90 4.31
CA SEP D 7 -7.23 -10.43 5.67
CB SEP D 7 -7.29 -11.97 5.67
OG SEP D 7 -6.36 -12.41 4.71
C SEP D 7 -5.89 -9.93 6.21
O SEP D 7 -4.98 -9.65 5.41
P SEP D 7 -6.00 -14.00 4.70
O1P SEP D 7 -4.68 -14.10 3.82
O2P SEP D 7 -5.71 -14.45 6.20
O3P SEP D 7 -7.22 -14.78 4.05
N VAL D 8 -5.74 -9.81 7.52
CA VAL D 8 -4.51 -9.27 8.09
C VAL D 8 -3.94 -10.15 9.19
N ILE D 9 -2.62 -10.08 9.35
CA ILE D 9 -1.93 -10.77 10.43
C ILE D 9 -2.14 -10.01 11.74
N ARG D 18 3.05 4.51 22.93
CA ARG D 18 2.97 5.40 21.77
C ARG D 18 3.06 6.87 22.19
N ARG D 19 1.96 7.61 22.04
CA ARG D 19 1.89 9.02 22.40
C ARG D 19 0.86 9.22 23.49
N ARG D 20 1.05 10.26 24.29
CA ARG D 20 0.14 10.53 25.39
C ARG D 20 -1.27 10.76 24.86
N GLN D 21 -2.26 10.40 25.66
CA GLN D 21 -3.65 10.42 25.24
C GLN D 21 -4.38 11.62 25.83
N SEP D 22 -5.18 12.31 25.00
CA SEP D 22 -6.16 13.27 25.50
CB SEP D 22 -5.85 14.70 25.01
OG SEP D 22 -5.67 14.64 23.62
C SEP D 22 -7.54 12.82 25.02
O SEP D 22 -7.66 12.06 24.05
P SEP D 22 -5.39 16.07 22.88
O1P SEP D 22 -5.62 15.76 21.33
O2P SEP D 22 -3.92 16.60 23.16
O3P SEP D 22 -6.46 17.10 23.43
N VAL D 23 -8.59 13.29 25.67
CA VAL D 23 -9.92 12.80 25.36
C VAL D 23 -10.95 13.92 25.25
N LEU D 24 -11.89 13.71 24.32
CA LEU D 24 -13.10 14.51 24.16
C LEU D 24 -14.30 13.73 24.65
N ASN D 25 -15.09 14.32 25.55
CA ASN D 25 -16.27 13.66 26.09
C ASN D 25 -17.44 13.84 25.14
N LEU D 26 -17.99 12.73 24.63
CA LEU D 26 -19.15 12.78 23.74
C LEU D 26 -20.30 12.06 24.45
N MET D 27 -21.00 12.78 25.32
CA MET D 27 -22.07 12.18 26.11
C MET D 27 -23.26 11.84 25.21
N THR D 28 -23.85 10.67 25.45
CA THR D 28 -24.98 10.24 24.63
C THR D 28 -26.29 10.40 25.38
N MET E 3 21.83 -27.67 21.28
CA MET E 3 22.67 -28.82 21.60
C MET E 3 22.73 -29.83 20.46
N GLY E 4 21.57 -30.14 19.90
CA GLY E 4 21.50 -31.10 18.81
C GLY E 4 21.97 -30.55 17.48
N SER E 5 21.10 -30.63 16.46
CA SER E 5 21.47 -30.16 15.14
C SER E 5 21.29 -28.66 14.97
N MET E 6 20.47 -28.03 15.80
CA MET E 6 20.22 -26.59 15.75
C MET E 6 20.89 -25.97 16.98
N THR E 7 22.00 -25.25 16.75
CA THR E 7 22.81 -24.74 17.85
C THR E 7 22.93 -23.22 17.86
N MET E 8 22.07 -22.52 17.14
CA MET E 8 22.03 -21.06 17.24
C MET E 8 21.20 -20.65 18.44
N ASP E 9 21.60 -19.56 19.09
CA ASP E 9 20.79 -19.04 20.18
C ASP E 9 19.69 -18.15 19.61
N LYS E 10 18.81 -17.67 20.51
CA LYS E 10 17.60 -16.99 20.06
C LYS E 10 17.93 -15.73 19.26
N SER E 11 18.91 -14.95 19.73
CA SER E 11 19.25 -13.71 19.03
C SER E 11 19.82 -14.00 17.64
N GLU E 12 20.66 -15.03 17.50
CA GLU E 12 21.17 -15.38 16.18
C GLU E 12 20.02 -15.78 15.26
N LEU E 13 19.06 -16.54 15.77
CA LEU E 13 17.95 -17.01 14.95
C LEU E 13 17.08 -15.85 14.48
N VAL E 14 16.84 -14.90 15.37
CA VAL E 14 16.04 -13.73 15.00
C VAL E 14 16.76 -12.91 13.95
N GLN E 15 18.07 -12.73 14.10
CA GLN E 15 18.84 -12.01 13.09
C GLN E 15 18.78 -12.71 11.74
N LYS E 16 18.88 -14.04 11.74
CA LYS E 16 18.77 -14.78 10.49
C LYS E 16 17.38 -14.67 9.90
N ALA E 17 16.35 -14.67 10.75
CA ALA E 17 15.00 -14.45 10.27
C ALA E 17 14.89 -13.10 9.58
N LYS E 18 15.54 -12.09 10.15
CA LYS E 18 15.46 -10.75 9.58
C LYS E 18 16.17 -10.68 8.24
N LEU E 19 17.32 -11.35 8.13
CA LEU E 19 18.03 -11.41 6.84
C LEU E 19 17.19 -12.15 5.80
N ALA E 20 16.62 -13.30 6.18
CA ALA E 20 15.83 -14.05 5.22
C ALA E 20 14.62 -13.27 4.77
N GLU E 21 14.04 -12.45 5.65
CA GLU E 21 12.92 -11.61 5.23
C GLU E 21 13.36 -10.59 4.19
N GLN E 22 14.53 -9.97 4.39
CA GLN E 22 15.02 -9.00 3.41
C GLN E 22 15.31 -9.66 2.07
N ALA E 23 15.83 -10.89 2.09
CA ALA E 23 16.15 -11.66 0.90
C ALA E 23 14.94 -12.34 0.28
N GLU E 24 13.76 -12.14 0.87
CA GLU E 24 12.51 -12.76 0.40
C GLU E 24 12.62 -14.28 0.34
N ARG E 25 13.24 -14.85 1.36
CA ARG E 25 13.44 -16.30 1.48
C ARG E 25 12.60 -16.76 2.68
N TYR E 26 11.30 -16.90 2.45
CA TYR E 26 10.40 -17.07 3.58
C TYR E 26 10.42 -18.47 4.16
N ASP E 27 10.81 -19.48 3.38
CA ASP E 27 11.05 -20.81 3.97
C ASP E 27 12.13 -20.74 5.04
N ASP E 28 13.26 -20.08 4.72
CA ASP E 28 14.32 -19.86 5.70
C ASP E 28 13.79 -19.06 6.88
N MET E 29 13.02 -18.02 6.61
CA MET E 29 12.52 -17.17 7.70
C MET E 29 11.62 -17.96 8.65
N ALA E 30 10.73 -18.77 8.10
CA ALA E 30 9.84 -19.56 8.94
C ALA E 30 10.61 -20.59 9.74
N ALA E 31 11.58 -21.25 9.12
CA ALA E 31 12.35 -22.25 9.85
C ALA E 31 13.06 -21.62 11.04
N ALA E 32 13.62 -20.42 10.84
CA ALA E 32 14.29 -19.73 11.94
C ALA E 32 13.31 -19.42 13.06
N MET E 33 12.12 -18.90 12.72
CA MET E 33 11.18 -18.50 13.77
C MET E 33 10.49 -19.70 14.40
N LYS E 34 10.34 -20.80 13.66
CA LYS E 34 9.89 -22.05 14.27
C LYS E 34 10.89 -22.51 15.33
N ALA E 35 12.19 -22.44 15.02
CA ALA E 35 13.19 -22.81 16.00
C ALA E 35 13.19 -21.86 17.20
N VAL E 36 12.96 -20.56 16.97
CA VAL E 36 12.81 -19.64 18.09
C VAL E 36 11.66 -20.07 18.98
N THR E 37 10.52 -20.35 18.36
CA THR E 37 9.33 -20.69 19.13
C THR E 37 9.53 -21.98 19.92
N GLU E 38 10.24 -22.96 19.33
CA GLU E 38 10.41 -24.25 19.99
C GLU E 38 11.38 -24.18 21.17
N GLN E 39 12.09 -23.07 21.35
CA GLN E 39 12.83 -22.88 22.59
C GLN E 39 11.91 -22.70 23.79
N GLY E 40 10.65 -22.37 23.56
CA GLY E 40 9.62 -22.45 24.58
C GLY E 40 9.35 -21.18 25.36
N HIS E 41 10.06 -20.09 25.07
CA HIS E 41 9.86 -18.82 25.75
C HIS E 41 8.78 -18.01 25.05
N GLU E 42 8.06 -17.22 25.83
CA GLU E 42 7.09 -16.27 25.28
C GLU E 42 7.76 -15.34 24.27
N LEU E 43 7.14 -15.23 23.09
CA LEU E 43 7.72 -14.41 22.03
C LEU E 43 7.46 -12.93 22.31
N SER E 44 8.45 -12.10 21.98
CA SER E 44 8.23 -10.67 21.97
C SER E 44 7.33 -10.29 20.80
N ASN E 45 6.79 -9.06 20.86
CA ASN E 45 5.97 -8.59 19.75
C ASN E 45 6.75 -8.64 18.44
N GLU E 46 8.05 -8.30 18.49
CA GLU E 46 8.85 -8.36 17.27
C GLU E 46 8.99 -9.79 16.77
N GLU E 47 9.22 -10.74 17.68
CA GLU E 47 9.35 -12.13 17.25
C GLU E 47 8.02 -12.68 16.78
N ARG E 48 6.95 -12.30 17.46
CA ARG E 48 5.61 -12.76 17.09
C ARG E 48 5.27 -12.29 15.68
N ASN E 49 5.67 -11.06 15.34
CA ASN E 49 5.41 -10.57 13.99
CA ASN E 49 5.40 -10.56 13.99
C ASN E 49 6.27 -11.28 12.96
N LEU E 50 7.53 -11.55 13.30
CA LEU E 50 8.39 -12.27 12.36
C LEU E 50 7.84 -13.66 12.06
N LEU E 51 7.45 -14.38 13.12
CA LEU E 51 6.80 -15.68 12.93
C LEU E 51 5.58 -15.57 12.03
N SER E 52 4.72 -14.58 12.32
CA SER E 52 3.46 -14.48 11.60
C SER E 52 3.70 -14.13 10.14
N VAL E 53 4.60 -13.19 9.87
CA VAL E 53 4.90 -12.77 8.48
C VAL E 53 5.55 -13.90 7.70
N ALA E 54 6.45 -14.66 8.34
CA ALA E 54 7.12 -15.75 7.62
C ALA E 54 6.10 -16.78 7.17
N TYR E 55 5.25 -17.24 8.08
CA TYR E 55 4.31 -18.31 7.74
C TYR E 55 3.18 -17.79 6.85
N LYS E 56 2.80 -16.53 6.99
CA LYS E 56 1.84 -15.97 6.03
C LYS E 56 2.37 -16.09 4.62
N ASN E 57 3.65 -15.79 4.41
CA ASN E 57 4.22 -15.87 3.07
C ASN E 57 4.37 -17.31 2.60
N VAL E 58 4.80 -18.21 3.49
CA VAL E 58 4.96 -19.61 3.11
C VAL E 58 3.61 -20.22 2.73
N VAL E 59 2.62 -20.08 3.59
CA VAL E 59 1.34 -20.70 3.28
C VAL E 59 0.66 -19.97 2.13
N GLY E 60 0.86 -18.65 2.03
CA GLY E 60 0.20 -17.87 1.00
C GLY E 60 0.65 -18.25 -0.39
N ALA E 61 1.91 -18.67 -0.53
CA ALA E 61 2.36 -19.13 -1.84
C ALA E 61 1.58 -20.38 -2.27
N ARG E 62 1.32 -21.29 -1.32
CA ARG E 62 0.59 -22.50 -1.64
C ARG E 62 -0.89 -22.20 -1.89
N ARG E 63 -1.46 -21.30 -1.08
CA ARG E 63 -2.85 -20.92 -1.30
C ARG E 63 -3.03 -20.33 -2.70
N SER E 64 -2.09 -19.48 -3.11
CA SER E 64 -2.16 -18.89 -4.45
CA SER E 64 -2.16 -18.89 -4.45
C SER E 64 -2.05 -19.94 -5.52
N SER E 65 -1.04 -20.81 -5.43
CA SER E 65 -0.88 -21.89 -6.42
C SER E 65 -2.09 -22.80 -6.43
N TRP E 66 -2.61 -23.17 -5.26
CA TRP E 66 -3.77 -24.03 -5.21
C TRP E 66 -4.94 -23.45 -6.00
N ARG E 67 -5.21 -22.15 -5.81
CA ARG E 67 -6.31 -21.52 -6.51
C ARG E 67 -6.11 -21.60 -8.02
N VAL E 68 -4.89 -21.34 -8.49
CA VAL E 68 -4.62 -21.36 -9.93
C VAL E 68 -4.82 -22.75 -10.51
N ILE E 69 -4.26 -23.77 -9.85
CA ILE E 69 -4.35 -25.13 -10.37
C ILE E 69 -5.77 -25.66 -10.25
N SER E 70 -6.45 -25.38 -9.14
CA SER E 70 -7.83 -25.85 -9.02
C SER E 70 -8.71 -25.22 -10.09
N SER E 71 -8.44 -23.96 -10.44
CA SER E 71 -9.17 -23.28 -11.50
C SER E 71 -8.93 -23.95 -12.85
N ILE E 72 -7.67 -24.26 -13.15
CA ILE E 72 -7.35 -24.92 -14.42
C ILE E 72 -7.99 -26.30 -14.46
N GLU E 73 -7.99 -26.99 -13.31
CA GLU E 73 -8.49 -28.36 -13.25
C GLU E 73 -9.96 -28.44 -13.62
N GLN E 74 -10.73 -27.39 -13.33
CA GLN E 74 -12.16 -27.37 -13.57
C GLN E 74 -12.54 -26.80 -14.93
N LYS E 75 -11.57 -26.28 -15.69
CA LYS E 75 -11.84 -25.75 -17.02
C LYS E 75 -11.44 -26.72 -18.12
N THR E 76 -10.83 -27.85 -17.78
CA THR E 76 -10.38 -28.81 -18.78
C THR E 76 -11.51 -29.80 -19.01
N GLU E 77 -12.35 -29.50 -20.00
CA GLU E 77 -13.56 -30.29 -20.22
C GLU E 77 -13.26 -31.56 -21.00
N ARG E 78 -12.37 -31.49 -21.99
CA ARG E 78 -12.14 -32.62 -22.88
C ARG E 78 -10.98 -33.48 -22.43
N ASN E 79 -9.79 -32.89 -22.29
CA ASN E 79 -8.56 -33.64 -22.04
C ASN E 79 -8.64 -34.30 -20.67
N GLU E 80 -8.92 -35.61 -20.66
CA GLU E 80 -8.89 -36.36 -19.41
C GLU E 80 -7.49 -36.49 -18.83
N LYS E 81 -6.46 -36.23 -19.63
CA LYS E 81 -5.09 -36.36 -19.13
C LYS E 81 -4.55 -35.05 -18.57
N LYS E 82 -4.83 -33.91 -19.21
CA LYS E 82 -4.57 -32.64 -18.55
C LYS E 82 -5.34 -32.54 -17.24
N GLN E 83 -6.51 -33.19 -17.17
CA GLN E 83 -7.34 -33.11 -15.96
C GLN E 83 -6.83 -34.05 -14.87
N GLN E 84 -6.35 -35.25 -15.23
CA GLN E 84 -5.78 -36.12 -14.21
C GLN E 84 -4.47 -35.55 -13.67
N MET E 85 -3.61 -35.02 -14.54
CA MET E 85 -2.38 -34.41 -14.06
C MET E 85 -2.67 -33.17 -13.21
N GLY E 86 -3.67 -32.38 -13.62
CA GLY E 86 -4.03 -31.23 -12.82
C GLY E 86 -4.52 -31.62 -11.45
N LYS E 87 -5.26 -32.74 -11.37
CA LYS E 87 -5.73 -33.24 -10.09
C LYS E 87 -4.56 -33.64 -9.20
N GLU E 88 -3.61 -34.40 -9.73
CA GLU E 88 -2.47 -34.83 -8.92
C GLU E 88 -1.63 -33.66 -8.45
N TYR E 89 -1.44 -32.67 -9.33
CA TYR E 89 -0.67 -31.48 -8.94
C TYR E 89 -1.39 -30.68 -7.87
N ARG E 90 -2.71 -30.52 -8.02
CA ARG E 90 -3.48 -29.86 -6.96
C ARG E 90 -3.31 -30.60 -5.64
N GLU E 91 -3.34 -31.94 -5.68
CA GLU E 91 -3.20 -32.73 -4.47
C GLU E 91 -1.80 -32.60 -3.86
N LYS E 92 -0.77 -32.47 -4.71
CA LYS E 92 0.58 -32.22 -4.21
C LYS E 92 0.63 -30.88 -3.47
N ILE E 93 0.05 -29.85 -4.06
CA ILE E 93 0.03 -28.53 -3.41
C ILE E 93 -0.77 -28.58 -2.10
N GLU E 94 -1.92 -29.26 -2.11
CA GLU E 94 -2.72 -29.42 -0.89
C GLU E 94 -1.92 -30.07 0.23
N ALA E 95 -1.15 -31.10 -0.11
CA ALA E 95 -0.36 -31.77 0.92
C ALA E 95 0.67 -30.81 1.52
N GLU E 96 1.30 -29.97 0.70
CA GLU E 96 2.22 -28.96 1.21
C GLU E 96 1.50 -27.99 2.12
N LEU E 97 0.36 -27.49 1.66
CA LEU E 97 -0.42 -26.57 2.47
C LEU E 97 -0.80 -27.21 3.79
N GLN E 98 -1.26 -28.47 3.75
CA GLN E 98 -1.67 -29.13 4.97
C GLN E 98 -0.49 -29.29 5.92
N ASP E 99 0.70 -29.57 5.39
CA ASP E 99 1.87 -29.71 6.27
C ASP E 99 2.27 -28.38 6.90
N ILE E 100 2.16 -27.28 6.13
CA ILE E 100 2.51 -25.97 6.67
C ILE E 100 1.53 -25.58 7.77
N CYS E 101 0.24 -25.70 7.49
CA CYS E 101 -0.74 -25.40 8.53
C CYS E 101 -0.52 -26.28 9.75
N ASN E 102 -0.19 -27.55 9.53
CA ASN E 102 0.03 -28.44 10.67
C ASN E 102 1.15 -27.93 11.58
N ASP E 103 2.26 -27.47 10.97
CA ASP E 103 3.38 -26.94 11.77
C ASP E 103 2.95 -25.73 12.58
N VAL E 104 2.17 -24.82 11.97
CA VAL E 104 1.74 -23.63 12.70
C VAL E 104 0.81 -24.01 13.85
N LEU E 105 -0.18 -24.85 13.56
CA LEU E 105 -1.13 -25.27 14.59
C LEU E 105 -0.42 -26.02 15.71
N GLU E 106 0.60 -26.82 15.36
CA GLU E 106 1.44 -27.43 16.39
C GLU E 106 2.07 -26.38 17.29
N LEU E 107 2.71 -25.38 16.69
CA LEU E 107 3.34 -24.31 17.46
C LEU E 107 2.35 -23.62 18.36
N LEU E 108 1.16 -23.31 17.84
CA LEU E 108 0.16 -22.59 18.64
C LEU E 108 -0.25 -23.39 19.86
N ASP E 109 -0.46 -24.71 19.69
CA ASP E 109 -0.97 -25.51 20.80
C ASP E 109 0.12 -25.90 21.78
N LYS E 110 1.36 -26.06 21.31
CA LYS E 110 2.43 -26.50 22.19
C LYS E 110 3.06 -25.35 22.96
N TYR E 111 3.16 -24.17 22.33
CA TYR E 111 3.96 -23.08 22.88
C TYR E 111 3.18 -21.78 23.00
N LEU E 112 2.58 -21.34 21.90
CA LEU E 112 2.16 -19.95 21.82
C LEU E 112 0.94 -19.66 22.68
N ILE E 113 -0.09 -20.49 22.57
CA ILE E 113 -1.33 -20.27 23.31
C ILE E 113 -1.10 -20.57 24.80
N PRO E 114 -0.44 -21.67 25.19
CA PRO E 114 -0.25 -21.89 26.63
C PRO E 114 0.64 -20.84 27.29
N ASN E 115 1.53 -20.19 26.56
CA ASN E 115 2.37 -19.14 27.13
C ASN E 115 1.75 -17.74 27.05
N ALA E 116 0.53 -17.62 26.53
CA ALA E 116 -0.14 -16.32 26.47
C ALA E 116 -0.91 -16.07 27.77
N THR E 117 -0.52 -15.04 28.49
CA THR E 117 -1.20 -14.65 29.72
C THR E 117 -2.00 -13.36 29.59
N GLN E 118 -1.51 -12.40 28.79
CA GLN E 118 -2.28 -11.19 28.60
C GLN E 118 -3.41 -11.44 27.58
N PRO E 119 -4.56 -10.78 27.75
CA PRO E 119 -5.65 -11.00 26.79
C PRO E 119 -5.26 -10.66 25.37
N GLU E 120 -4.46 -9.62 25.19
CA GLU E 120 -4.02 -9.22 23.85
C GLU E 120 -3.25 -10.35 23.17
N SER E 121 -2.47 -11.10 23.95
CA SER E 121 -1.69 -12.18 23.37
C SER E 121 -2.55 -13.40 23.08
N LYS E 122 -3.51 -13.70 23.98
CA LYS E 122 -4.43 -14.80 23.74
C LYS E 122 -5.27 -14.56 22.50
N VAL E 123 -5.77 -13.33 22.33
CA VAL E 123 -6.58 -13.04 21.16
C VAL E 123 -5.76 -13.19 19.90
N PHE E 124 -4.50 -12.74 19.94
CA PHE E 124 -3.69 -12.77 18.73
C PHE E 124 -3.46 -14.20 18.28
N TYR E 125 -3.16 -15.09 19.23
CA TYR E 125 -2.84 -16.48 18.87
C TYR E 125 -4.08 -17.29 18.58
N LEU E 126 -5.20 -17.03 19.27
CA LEU E 126 -6.45 -17.70 18.93
C LEU E 126 -6.93 -17.27 17.56
N LYS E 127 -6.76 -15.99 17.22
CA LYS E 127 -7.08 -15.56 15.86
C LYS E 127 -6.19 -16.28 14.86
N MET E 128 -4.91 -16.40 15.17
CA MET E 128 -3.99 -17.11 14.30
C MET E 128 -4.43 -18.55 14.13
N LYS E 129 -4.88 -19.19 15.22
CA LYS E 129 -5.44 -20.53 15.14
C LYS E 129 -6.66 -20.56 14.23
N GLY E 130 -7.57 -19.60 14.40
CA GLY E 130 -8.70 -19.53 13.50
C GLY E 130 -8.25 -19.40 12.04
N ASP E 131 -7.25 -18.55 11.79
CA ASP E 131 -6.75 -18.33 10.43
C ASP E 131 -6.26 -19.63 9.81
N TYR E 132 -5.39 -20.36 10.52
CA TYR E 132 -4.76 -21.51 9.89
C TYR E 132 -5.74 -22.67 9.73
N PHE E 133 -6.71 -22.82 10.64
CA PHE E 133 -7.79 -23.76 10.38
C PHE E 133 -8.66 -23.30 9.22
N ARG E 134 -8.79 -21.98 9.03
CA ARG E 134 -9.51 -21.47 7.86
C ARG E 134 -8.77 -21.81 6.57
N TYR E 135 -7.44 -21.68 6.54
CA TYR E 135 -6.71 -22.08 5.34
C TYR E 135 -6.90 -23.56 5.05
N LEU E 136 -6.85 -24.41 6.08
CA LEU E 136 -7.15 -25.82 5.88
C LEU E 136 -8.56 -25.99 5.33
N SER E 137 -9.51 -25.21 5.84
CA SER E 137 -10.88 -25.29 5.34
C SER E 137 -11.01 -24.90 3.88
N GLU E 138 -10.09 -24.08 3.36
CA GLU E 138 -10.19 -23.67 1.98
C GLU E 138 -9.99 -24.84 1.03
N VAL E 139 -9.26 -25.87 1.44
CA VAL E 139 -8.96 -27.02 0.58
C VAL E 139 -9.50 -28.33 1.12
N ALA E 140 -10.06 -28.36 2.31
CA ALA E 140 -10.52 -29.62 2.91
C ALA E 140 -11.84 -30.06 2.27
N SER E 141 -12.17 -31.33 2.49
CA SER E 141 -13.40 -31.93 1.97
C SER E 141 -13.94 -32.94 2.98
N GLY E 142 -15.21 -33.31 2.79
CA GLY E 142 -15.81 -34.36 3.59
C GLY E 142 -15.80 -34.04 5.06
N ASP E 143 -15.51 -35.07 5.87
CA ASP E 143 -15.50 -34.89 7.32
C ASP E 143 -14.28 -34.13 7.82
N ASN E 144 -13.17 -34.13 7.08
CA ASN E 144 -12.05 -33.28 7.47
C ASN E 144 -12.46 -31.81 7.42
N LYS E 145 -13.25 -31.42 6.42
CA LYS E 145 -13.72 -30.04 6.37
C LYS E 145 -14.61 -29.72 7.56
N GLN E 146 -15.50 -30.64 7.91
CA GLN E 146 -16.30 -30.43 9.12
C GLN E 146 -15.40 -30.17 10.33
N THR E 147 -14.32 -30.94 10.45
CA THR E 147 -13.40 -30.76 11.57
C THR E 147 -12.70 -29.40 11.48
N THR E 148 -12.16 -29.04 10.31
CA THR E 148 -11.40 -27.79 10.22
C THR E 148 -12.31 -26.58 10.37
N VAL E 149 -13.49 -26.61 9.76
CA VAL E 149 -14.41 -25.47 9.85
C VAL E 149 -14.81 -25.24 11.30
N SER E 150 -15.19 -26.31 12.01
CA SER E 150 -15.60 -26.15 13.40
C SER E 150 -14.44 -25.66 14.26
N ASN E 151 -13.23 -26.16 14.01
CA ASN E 151 -12.08 -25.71 14.80
C ASN E 151 -11.74 -24.25 14.51
N SER E 152 -11.78 -23.83 13.24
CA SER E 152 -11.61 -22.41 12.94
C SER E 152 -12.61 -21.56 13.69
N GLN E 153 -13.88 -21.92 13.61
CA GLN E 153 -14.93 -21.09 14.21
C GLN E 153 -14.77 -21.01 15.72
N GLN E 154 -14.50 -22.14 16.36
CA GLN E 154 -14.33 -22.16 17.81
C GLN E 154 -13.15 -21.28 18.24
N ALA E 155 -12.05 -21.30 17.47
CA ALA E 155 -10.92 -20.45 17.83
C ALA E 155 -11.27 -18.98 17.66
N TYR E 156 -11.95 -18.64 16.56
CA TYR E 156 -12.36 -17.26 16.33
C TYR E 156 -13.33 -16.79 17.40
N GLN E 157 -14.33 -17.62 17.71
CA GLN E 157 -15.34 -17.24 18.70
C GLN E 157 -14.71 -16.98 20.06
N GLU E 158 -13.78 -17.83 20.49
CA GLU E 158 -13.10 -17.62 21.76
C GLU E 158 -12.30 -16.32 21.75
N ALA E 159 -11.52 -16.08 20.69
CA ALA E 159 -10.80 -14.83 20.58
C ALA E 159 -11.75 -13.64 20.59
N PHE E 160 -12.91 -13.81 19.93
CA PHE E 160 -13.91 -12.75 19.84
C PHE E 160 -14.42 -12.36 21.22
N GLU E 161 -14.77 -13.35 22.04
CA GLU E 161 -15.35 -13.04 23.34
C GLU E 161 -14.31 -12.41 24.26
N ILE E 162 -13.07 -12.89 24.21
CA ILE E 162 -12.01 -12.28 25.02
C ILE E 162 -11.80 -10.83 24.59
N SER E 163 -11.70 -10.60 23.29
CA SER E 163 -11.44 -9.24 22.82
C SER E 163 -12.58 -8.29 23.19
N LYS E 164 -13.82 -8.78 23.16
CA LYS E 164 -14.95 -7.91 23.51
C LYS E 164 -14.90 -7.51 24.98
N LYS E 165 -14.43 -8.41 25.85
CA LYS E 165 -14.42 -8.11 27.28
C LYS E 165 -13.17 -7.35 27.69
N GLU E 166 -12.02 -7.55 27.03
CA GLU E 166 -10.76 -7.05 27.56
C GLU E 166 -10.10 -5.97 26.72
N MET E 167 -10.55 -5.75 25.49
CA MET E 167 -9.86 -4.84 24.59
C MET E 167 -10.83 -3.80 24.06
N GLN E 168 -10.31 -2.60 23.82
CA GLN E 168 -11.12 -1.53 23.27
C GLN E 168 -11.42 -1.81 21.80
N PRO E 169 -12.53 -1.25 21.28
CA PRO E 169 -12.87 -1.46 19.86
C PRO E 169 -11.83 -0.94 18.89
N THR E 170 -10.97 -0.02 19.30
CA THR E 170 -9.91 0.50 18.44
C THR E 170 -8.63 -0.33 18.48
N HIS E 171 -8.55 -1.37 19.31
CA HIS E 171 -7.34 -2.17 19.34
C HIS E 171 -7.13 -2.85 17.99
N PRO E 172 -5.95 -2.72 17.40
CA PRO E 172 -5.71 -3.34 16.08
C PRO E 172 -5.88 -4.84 16.08
N ILE E 173 -5.56 -5.51 17.18
CA ILE E 173 -5.73 -6.96 17.21
C ILE E 173 -7.21 -7.31 17.24
N ARG E 174 -8.02 -6.55 17.99
CA ARG E 174 -9.45 -6.79 17.98
C ARG E 174 -10.05 -6.49 16.61
N LEU E 175 -9.58 -5.42 15.97
CA LEU E 175 -10.08 -5.10 14.63
C LEU E 175 -9.65 -6.14 13.61
N GLY E 176 -8.40 -6.58 13.68
CA GLY E 176 -7.94 -7.59 12.74
C GLY E 176 -8.67 -8.90 12.92
N LEU E 177 -9.01 -9.24 14.17
CA LEU E 177 -9.85 -10.41 14.42
C LEU E 177 -11.21 -10.26 13.77
N ALA E 178 -11.86 -9.09 13.94
CA ALA E 178 -13.14 -8.88 13.30
C ALA E 178 -13.04 -9.01 11.79
N LEU E 179 -11.95 -8.50 11.20
CA LEU E 179 -11.79 -8.58 9.75
C LEU E 179 -11.73 -10.03 9.29
N ASN E 180 -10.86 -10.83 9.91
CA ASN E 180 -10.64 -12.19 9.44
C ASN E 180 -11.82 -13.09 9.77
N PHE E 181 -12.41 -12.90 10.95
CA PHE E 181 -13.63 -13.62 11.30
C PHE E 181 -14.75 -13.34 10.31
N SER E 182 -14.86 -12.10 9.83
CA SER E 182 -15.91 -11.83 8.86
C SER E 182 -15.61 -12.51 7.53
N VAL E 183 -14.33 -12.55 7.12
CA VAL E 183 -13.94 -13.32 5.94
C VAL E 183 -14.32 -14.78 6.11
N PHE E 184 -14.08 -15.34 7.29
CA PHE E 184 -14.48 -16.71 7.59
C PHE E 184 -15.97 -16.90 7.34
N TYR E 185 -16.80 -16.03 7.91
CA TYR E 185 -18.23 -16.12 7.67
C TYR E 185 -18.55 -16.02 6.18
N TYR E 186 -17.91 -15.09 5.47
CA TYR E 186 -18.25 -14.86 4.07
C TYR E 186 -17.78 -16.01 3.19
N GLU E 187 -16.52 -16.41 3.33
CA GLU E 187 -15.91 -17.36 2.41
C GLU E 187 -16.10 -18.81 2.82
N ILE E 188 -15.98 -19.10 4.12
CA ILE E 188 -16.01 -20.49 4.58
C ILE E 188 -17.43 -20.93 4.92
N LEU E 189 -18.16 -20.11 5.67
CA LEU E 189 -19.53 -20.43 6.06
C LEU E 189 -20.56 -19.99 5.03
N ASN E 190 -20.15 -19.22 4.00
CA ASN E 190 -21.07 -18.70 2.99
C ASN E 190 -22.26 -17.99 3.63
N SER E 191 -21.96 -17.13 4.61
CA SER E 191 -22.98 -16.36 5.33
C SER E 191 -22.64 -14.90 5.19
N PRO E 192 -23.03 -14.24 4.09
CA PRO E 192 -22.61 -12.86 3.86
C PRO E 192 -23.28 -11.86 4.80
N GLU E 193 -24.50 -12.12 5.27
CA GLU E 193 -25.12 -11.20 6.22
C GLU E 193 -24.39 -11.23 7.55
N LYS E 194 -24.08 -12.43 8.05
CA LYS E 194 -23.25 -12.55 9.25
C LYS E 194 -21.91 -11.86 9.05
N ALA E 195 -21.30 -12.04 7.88
CA ALA E 195 -20.00 -11.41 7.62
C ALA E 195 -20.12 -9.88 7.61
N CYS E 196 -21.16 -9.36 6.97
CA CYS E 196 -21.32 -7.91 6.86
C CYS E 196 -21.67 -7.30 8.21
N SER E 197 -22.47 -8.00 9.01
CA SER E 197 -22.86 -7.48 10.31
C SER E 197 -21.67 -7.42 11.26
N LEU E 198 -20.87 -8.48 11.30
CA LEU E 198 -19.67 -8.47 12.14
C LEU E 198 -18.74 -7.32 11.73
N ALA E 199 -18.55 -7.14 10.42
CA ALA E 199 -17.56 -6.17 9.97
C ALA E 199 -18.02 -4.74 10.20
N LYS E 200 -19.30 -4.47 9.96
CA LYS E 200 -19.80 -3.11 10.14
C LYS E 200 -19.87 -2.73 11.61
N THR E 201 -20.32 -3.66 12.46
CA THR E 201 -20.33 -3.44 13.90
C THR E 201 -18.94 -3.11 14.42
N ALA E 202 -17.93 -3.89 14.01
CA ALA E 202 -16.57 -3.59 14.44
C ALA E 202 -16.13 -2.23 13.94
N PHE E 203 -16.46 -1.89 12.69
CA PHE E 203 -16.10 -0.57 12.16
C PHE E 203 -16.82 0.52 12.93
N ASP E 204 -18.11 0.33 13.18
CA ASP E 204 -18.92 1.34 13.87
C ASP E 204 -18.45 1.59 15.30
N GLU E 205 -18.20 0.52 16.05
CA GLU E 205 -17.76 0.74 17.43
C GLU E 205 -16.40 1.40 17.46
N ALA E 206 -15.53 1.11 16.49
CA ALA E 206 -14.22 1.73 16.45
C ALA E 206 -14.33 3.21 16.11
N ILE E 207 -15.15 3.54 15.11
CA ILE E 207 -15.23 4.94 14.72
C ILE E 207 -15.85 5.78 15.84
N ALA E 208 -16.80 5.20 16.59
CA ALA E 208 -17.40 5.92 17.70
C ALA E 208 -16.36 6.25 18.76
N GLU E 209 -15.47 5.30 19.08
CA GLU E 209 -14.46 5.57 20.09
C GLU E 209 -13.38 6.51 19.56
N LEU E 210 -12.98 6.35 18.30
CA LEU E 210 -11.96 7.23 17.75
C LEU E 210 -12.42 8.69 17.72
N ASP E 211 -13.75 8.91 17.69
CA ASP E 211 -14.27 10.27 17.74
C ASP E 211 -13.83 10.99 19.01
N THR E 212 -13.58 10.25 20.08
CA THR E 212 -13.16 10.83 21.34
C THR E 212 -11.66 10.98 21.47
N LEU E 213 -10.86 10.35 20.60
CA LEU E 213 -9.43 10.25 20.80
C LEU E 213 -8.66 11.07 19.78
N ASN E 214 -7.38 11.32 20.07
CA ASN E 214 -6.47 11.81 19.05
C ASN E 214 -6.06 10.65 18.15
N GLU E 215 -6.35 10.77 16.85
CA GLU E 215 -6.21 9.66 15.92
C GLU E 215 -4.78 9.37 15.51
N GLU E 216 -3.81 10.16 16.00
CA GLU E 216 -2.44 10.04 15.51
C GLU E 216 -1.77 8.76 15.99
N SER E 217 -2.07 8.31 17.21
CA SER E 217 -1.50 7.08 17.73
C SER E 217 -2.30 5.84 17.37
N TYR E 218 -3.30 5.97 16.49
CA TYR E 218 -4.15 4.85 16.11
C TYR E 218 -4.12 4.59 14.61
N LYS E 219 -2.99 4.92 13.97
CA LYS E 219 -2.89 4.76 12.52
C LYS E 219 -3.07 3.30 12.11
N ASP E 220 -2.59 2.36 12.92
CA ASP E 220 -2.76 0.95 12.56
C ASP E 220 -4.21 0.50 12.71
N SER E 221 -4.95 1.09 13.67
CA SER E 221 -6.38 0.80 13.74
C SER E 221 -7.11 1.34 12.52
N THR E 222 -6.77 2.56 12.11
CA THR E 222 -7.42 3.17 10.94
C THR E 222 -7.17 2.34 9.68
N LEU E 223 -5.96 1.84 9.49
CA LEU E 223 -5.69 1.04 8.30
C LEU E 223 -6.56 -0.21 8.27
N ILE E 224 -6.75 -0.88 9.42
CA ILE E 224 -7.61 -2.05 9.41
C ILE E 224 -9.06 -1.65 9.21
N MET E 225 -9.46 -0.48 9.74
CA MET E 225 -10.81 -0.01 9.47
C MET E 225 -11.03 0.24 7.99
N GLN E 226 -10.01 0.71 7.28
CA GLN E 226 -10.11 0.88 5.83
C GLN E 226 -10.28 -0.47 5.13
N LEU E 227 -9.68 -1.53 5.67
CA LEU E 227 -9.88 -2.84 5.06
C LEU E 227 -11.28 -3.35 5.33
N LEU E 228 -11.80 -3.14 6.54
CA LEU E 228 -13.18 -3.47 6.82
C LEU E 228 -14.10 -2.75 5.85
N ARG E 229 -13.87 -1.45 5.68
CA ARG E 229 -14.59 -0.65 4.69
C ARG E 229 -14.54 -1.29 3.31
N ASP E 230 -13.34 -1.64 2.85
CA ASP E 230 -13.17 -2.20 1.51
C ASP E 230 -13.90 -3.54 1.36
N ASN E 231 -13.76 -4.42 2.36
CA ASN E 231 -14.46 -5.71 2.28
C ASN E 231 -15.97 -5.51 2.25
N LEU E 232 -16.50 -4.56 3.03
CA LEU E 232 -17.93 -4.30 2.97
C LEU E 232 -18.34 -3.76 1.60
N THR E 233 -17.49 -2.91 1.00
CA THR E 233 -17.79 -2.41 -0.33
C THR E 233 -17.94 -3.57 -1.31
N LEU E 234 -17.02 -4.53 -1.26
CA LEU E 234 -17.09 -5.66 -2.18
C LEU E 234 -18.27 -6.56 -1.85
N TRP E 235 -18.60 -6.71 -0.57
CA TRP E 235 -19.58 -7.73 -0.20
C TRP E 235 -21.02 -7.29 -0.45
N THR E 236 -21.28 -5.99 -0.61
CA THR E 236 -22.65 -5.57 -0.86
C THR E 236 -22.76 -4.60 -2.03
N MET F 3 4.19 -40.15 -10.19
CA MET F 3 4.61 -41.33 -10.95
C MET F 3 6.13 -41.43 -11.08
N GLY F 4 6.76 -40.33 -11.49
CA GLY F 4 8.21 -40.27 -11.62
C GLY F 4 8.66 -39.85 -13.00
N SER F 5 9.61 -38.90 -13.06
CA SER F 5 10.05 -38.35 -14.34
C SER F 5 10.63 -39.43 -15.27
N MET F 6 11.25 -40.46 -14.71
CA MET F 6 11.85 -41.49 -15.54
C MET F 6 10.83 -42.48 -16.09
N THR F 7 9.54 -42.34 -15.78
CA THR F 7 8.52 -43.13 -16.45
C THR F 7 7.53 -42.25 -17.20
N MET F 8 7.89 -40.99 -17.48
CA MET F 8 6.98 -40.05 -18.09
C MET F 8 7.40 -39.73 -19.52
N ASP F 9 6.42 -39.55 -20.39
CA ASP F 9 6.67 -39.10 -21.75
C ASP F 9 6.98 -37.60 -21.74
N LYS F 10 7.66 -37.17 -22.81
CA LYS F 10 8.00 -35.76 -22.96
C LYS F 10 6.77 -34.88 -22.82
N SER F 11 5.65 -35.27 -23.45
CA SER F 11 4.47 -34.41 -23.44
C SER F 11 3.89 -34.26 -22.04
N GLU F 12 3.96 -35.31 -21.22
CA GLU F 12 3.48 -35.19 -19.85
C GLU F 12 4.37 -34.27 -19.04
N LEU F 13 5.69 -34.34 -19.24
CA LEU F 13 6.57 -33.44 -18.50
C LEU F 13 6.36 -32.00 -18.92
N VAL F 14 6.10 -31.77 -20.22
CA VAL F 14 5.82 -30.41 -20.67
C VAL F 14 4.52 -29.90 -20.07
N GLN F 15 3.49 -30.75 -20.01
CA GLN F 15 2.25 -30.31 -19.38
C GLN F 15 2.47 -29.96 -17.92
N LYS F 16 3.29 -30.75 -17.22
CA LYS F 16 3.63 -30.43 -15.85
C LYS F 16 4.35 -29.09 -15.75
N ALA F 17 5.31 -28.85 -16.66
CA ALA F 17 6.03 -27.57 -16.64
C ALA F 17 5.07 -26.41 -16.82
N LYS F 18 4.10 -26.55 -17.72
CA LYS F 18 3.15 -25.47 -17.97
C LYS F 18 2.27 -25.22 -16.75
N LEU F 19 1.84 -26.28 -16.08
CA LEU F 19 1.06 -26.13 -14.85
C LEU F 19 1.88 -25.45 -13.74
N ALA F 20 3.13 -25.87 -13.58
CA ALA F 20 4.00 -25.23 -12.58
C ALA F 20 4.20 -23.76 -12.88
N GLU F 21 4.33 -23.41 -14.16
CA GLU F 21 4.50 -22.01 -14.54
C GLU F 21 3.29 -21.18 -14.12
N GLN F 22 2.09 -21.68 -14.42
CA GLN F 22 0.88 -20.96 -14.03
C GLN F 22 0.79 -20.84 -12.51
N ALA F 23 1.23 -21.88 -11.79
CA ALA F 23 1.25 -21.89 -10.33
C ALA F 23 2.39 -21.08 -9.74
N GLU F 24 3.25 -20.52 -10.58
CA GLU F 24 4.45 -19.81 -10.17
C GLU F 24 5.34 -20.69 -9.28
N ARG F 25 5.41 -21.98 -9.61
CA ARG F 25 6.26 -22.91 -8.90
C ARG F 25 7.45 -23.25 -9.80
N TYR F 26 8.45 -22.35 -9.79
CA TYR F 26 9.48 -22.42 -10.81
C TYR F 26 10.47 -23.56 -10.57
N ASP F 27 10.70 -23.95 -9.31
CA ASP F 27 11.50 -25.15 -9.08
C ASP F 27 10.85 -26.38 -9.71
N ASP F 28 9.53 -26.53 -9.56
CA ASP F 28 8.82 -27.61 -10.22
C ASP F 28 8.95 -27.49 -11.73
N MET F 29 8.81 -26.27 -12.26
CA MET F 29 8.90 -26.05 -13.70
C MET F 29 10.28 -26.43 -14.23
N ALA F 30 11.32 -26.01 -13.53
CA ALA F 30 12.68 -26.32 -13.95
C ALA F 30 12.94 -27.81 -13.91
N ALA F 31 12.50 -28.49 -12.84
CA ALA F 31 12.72 -29.93 -12.74
C ALA F 31 12.07 -30.67 -13.91
N ALA F 32 10.86 -30.28 -14.29
CA ALA F 32 10.18 -30.92 -15.40
C ALA F 32 10.92 -30.70 -16.72
N MET F 33 11.35 -29.46 -16.97
CA MET F 33 12.04 -29.18 -18.21
C MET F 33 13.46 -29.74 -18.24
N LYS F 34 14.10 -29.85 -17.07
CA LYS F 34 15.38 -30.55 -16.99
C LYS F 34 15.22 -32.00 -17.43
N ALA F 35 14.18 -32.67 -16.92
CA ALA F 35 13.91 -34.04 -17.34
C ALA F 35 13.60 -34.12 -18.82
N VAL F 36 12.85 -33.16 -19.36
CA VAL F 36 12.60 -33.13 -20.81
C VAL F 36 13.93 -33.08 -21.56
N THR F 37 14.79 -32.15 -21.17
CA THR F 37 16.06 -31.96 -21.86
C THR F 37 16.92 -33.23 -21.76
N GLU F 38 16.88 -33.90 -20.62
CA GLU F 38 17.72 -35.09 -20.39
C GLU F 38 17.26 -36.29 -21.21
N GLN F 39 16.06 -36.25 -21.78
CA GLN F 39 15.69 -37.30 -22.72
C GLN F 39 16.51 -37.23 -23.99
N GLY F 40 17.16 -36.09 -24.26
CA GLY F 40 18.22 -36.02 -25.25
C GLY F 40 17.80 -35.58 -26.63
N HIS F 41 16.53 -35.27 -26.84
CA HIS F 41 16.04 -34.81 -28.13
C HIS F 41 16.08 -33.28 -28.19
N GLU F 42 16.34 -32.74 -29.39
CA GLU F 42 16.41 -31.29 -29.55
C GLU F 42 15.09 -30.65 -29.12
N LEU F 43 15.19 -29.58 -28.32
CA LEU F 43 13.99 -28.92 -27.84
C LEU F 43 13.31 -28.13 -28.95
N SER F 44 11.98 -28.16 -28.95
CA SER F 44 11.22 -27.24 -29.78
C SER F 44 11.37 -25.81 -29.23
N ASN F 45 10.85 -24.85 -29.99
CA ASN F 45 10.89 -23.47 -29.51
C ASN F 45 10.11 -23.31 -28.21
N GLU F 46 8.93 -23.93 -28.12
CA GLU F 46 8.13 -23.85 -26.90
C GLU F 46 8.87 -24.47 -25.72
N GLU F 47 9.50 -25.63 -25.94
CA GLU F 47 10.23 -26.28 -24.84
C GLU F 47 11.46 -25.48 -24.45
N ARG F 48 12.13 -24.86 -25.42
CA ARG F 48 13.25 -23.99 -25.08
C ARG F 48 12.80 -22.83 -24.21
N ASN F 49 11.67 -22.19 -24.58
CA ASN F 49 11.16 -21.07 -23.79
C ASN F 49 10.78 -21.50 -22.39
N LEU F 50 10.18 -22.69 -22.25
CA LEU F 50 9.79 -23.15 -20.91
C LEU F 50 11.03 -23.41 -20.06
N LEU F 51 12.04 -24.08 -20.61
CA LEU F 51 13.27 -24.31 -19.85
C LEU F 51 13.92 -22.99 -19.45
N SER F 52 14.00 -22.05 -20.39
CA SER F 52 14.76 -20.83 -20.14
CA SER F 52 14.75 -20.81 -20.16
C SER F 52 14.05 -19.92 -19.14
N VAL F 53 12.72 -19.82 -19.24
CA VAL F 53 11.96 -19.05 -18.24
C VAL F 53 12.08 -19.70 -16.86
N ALA F 54 11.96 -21.03 -16.79
CA ALA F 54 12.03 -21.69 -15.48
C ALA F 54 13.35 -21.38 -14.79
N TYR F 55 14.47 -21.59 -15.49
CA TYR F 55 15.76 -21.37 -14.84
C TYR F 55 16.07 -19.90 -14.64
N LYS F 56 15.60 -19.02 -15.52
CA LYS F 56 15.75 -17.59 -15.25
C LYS F 56 15.15 -17.24 -13.89
N ASN F 57 13.98 -17.79 -13.61
CA ASN F 57 13.30 -17.50 -12.35
C ASN F 57 13.96 -18.19 -11.16
N VAL F 58 14.39 -19.45 -11.34
CA VAL F 58 15.06 -20.18 -10.27
C VAL F 58 16.37 -19.50 -9.92
N VAL F 59 17.22 -19.27 -10.92
CA VAL F 59 18.49 -18.62 -10.63
C VAL F 59 18.26 -17.18 -10.21
N GLY F 60 17.26 -16.50 -10.81
CA GLY F 60 17.08 -15.09 -10.53
C GLY F 60 16.68 -14.81 -9.10
N ALA F 61 15.90 -15.71 -8.49
CA ALA F 61 15.59 -15.53 -7.08
C ALA F 61 16.85 -15.52 -6.23
N ARG F 62 17.80 -16.41 -6.55
CA ARG F 62 19.04 -16.47 -5.75
C ARG F 62 19.92 -15.28 -6.03
N ARG F 63 20.05 -14.89 -7.31
CA ARG F 63 20.82 -13.70 -7.63
C ARG F 63 20.27 -12.48 -6.90
N SER F 64 18.94 -12.34 -6.82
CA SER F 64 18.40 -11.17 -6.16
C SER F 64 18.60 -11.24 -4.66
N SER F 65 18.40 -12.41 -4.04
CA SER F 65 18.74 -12.55 -2.63
C SER F 65 20.21 -12.23 -2.37
N TRP F 66 21.08 -12.72 -3.24
CA TRP F 66 22.51 -12.51 -3.05
C TRP F 66 22.87 -11.04 -3.09
N ARG F 67 22.19 -10.27 -3.94
CA ARG F 67 22.44 -8.84 -4.00
C ARG F 67 21.94 -8.15 -2.75
N VAL F 68 20.78 -8.58 -2.24
CA VAL F 68 20.26 -7.99 -1.00
C VAL F 68 21.19 -8.27 0.17
N ILE F 69 21.66 -9.51 0.29
CA ILE F 69 22.50 -9.87 1.43
C ILE F 69 23.88 -9.21 1.32
N SER F 70 24.44 -9.19 0.11
CA SER F 70 25.70 -8.49 -0.10
C SER F 70 25.59 -7.02 0.28
N SER F 71 24.45 -6.39 -0.01
CA SER F 71 24.28 -4.99 0.31
C SER F 71 24.23 -4.76 1.81
N ILE F 72 23.52 -5.63 2.54
CA ILE F 72 23.47 -5.52 3.99
C ILE F 72 24.85 -5.77 4.59
N GLU F 73 25.62 -6.67 3.99
CA GLU F 73 26.98 -6.92 4.45
C GLU F 73 27.81 -5.64 4.49
N GLN F 74 27.57 -4.71 3.55
CA GLN F 74 28.40 -3.52 3.49
C GLN F 74 27.95 -2.44 4.46
N LYS F 75 26.64 -2.26 4.60
CA LYS F 75 26.11 -1.27 5.53
C LYS F 75 26.28 -1.69 7.00
N THR F 76 27.13 -2.66 7.29
CA THR F 76 27.35 -3.10 8.66
C THR F 76 28.82 -3.01 9.05
N ASN F 79 29.60 -3.91 13.28
CA ASN F 79 29.10 -5.08 14.00
C ASN F 79 29.66 -6.37 13.41
N GLU F 80 30.53 -7.04 14.17
CA GLU F 80 31.14 -8.27 13.69
C GLU F 80 30.14 -9.43 13.68
N LYS F 81 29.18 -9.42 14.60
CA LYS F 81 28.21 -10.50 14.68
C LYS F 81 27.30 -10.49 13.45
N LYS F 82 26.63 -9.37 13.21
CA LYS F 82 25.74 -9.27 12.05
C LYS F 82 26.50 -9.46 10.75
N GLN F 83 27.75 -8.98 10.68
CA GLN F 83 28.49 -9.09 9.43
C GLN F 83 28.93 -10.52 9.15
N GLN F 84 29.19 -11.32 10.19
CA GLN F 84 29.58 -12.70 9.92
C GLN F 84 28.36 -13.57 9.61
N MET F 85 27.20 -13.26 10.19
CA MET F 85 25.99 -13.98 9.81
C MET F 85 25.59 -13.65 8.38
N GLY F 86 25.74 -12.39 7.97
CA GLY F 86 25.49 -12.03 6.59
C GLY F 86 26.42 -12.75 5.63
N LYS F 87 27.69 -12.91 6.02
CA LYS F 87 28.64 -13.61 5.18
C LYS F 87 28.30 -15.08 5.04
N GLU F 88 27.89 -15.71 6.15
CA GLU F 88 27.48 -17.12 6.10
C GLU F 88 26.21 -17.28 5.27
N TYR F 89 25.20 -16.45 5.52
CA TYR F 89 23.98 -16.52 4.74
C TYR F 89 24.25 -16.29 3.26
N ARG F 90 25.13 -15.33 2.94
CA ARG F 90 25.48 -15.11 1.54
C ARG F 90 26.14 -16.34 0.95
N GLU F 91 27.06 -16.98 1.69
CA GLU F 91 27.70 -18.17 1.17
C GLU F 91 26.70 -19.30 0.98
N LYS F 92 25.67 -19.35 1.85
CA LYS F 92 24.56 -20.29 1.64
C LYS F 92 23.91 -20.08 0.28
N ILE F 93 23.52 -18.83 -0.01
CA ILE F 93 22.91 -18.50 -1.29
C ILE F 93 23.87 -18.74 -2.44
N GLU F 94 25.15 -18.40 -2.27
CA GLU F 94 26.13 -18.67 -3.31
C GLU F 94 26.16 -20.13 -3.68
N ALA F 95 26.05 -21.02 -2.68
CA ALA F 95 26.13 -22.45 -2.95
C ALA F 95 24.94 -22.92 -3.76
N GLU F 96 23.74 -22.44 -3.45
CA GLU F 96 22.56 -22.75 -4.25
C GLU F 96 22.72 -22.23 -5.66
N LEU F 97 23.17 -20.99 -5.80
CA LEU F 97 23.36 -20.40 -7.11
C LEU F 97 24.32 -21.22 -7.96
N GLN F 98 25.43 -21.64 -7.35
CA GLN F 98 26.40 -22.42 -8.11
C GLN F 98 25.82 -23.77 -8.54
N ASP F 99 25.00 -24.39 -7.68
CA ASP F 99 24.36 -25.65 -8.04
C ASP F 99 23.38 -25.46 -9.18
N ILE F 100 22.57 -24.39 -9.13
CA ILE F 100 21.63 -24.10 -10.22
C ILE F 100 22.39 -23.87 -11.52
N CYS F 101 23.42 -23.03 -11.48
CA CYS F 101 24.14 -22.71 -12.70
C CYS F 101 24.85 -23.94 -13.27
N ASN F 102 25.44 -24.77 -12.41
CA ASN F 102 26.13 -25.95 -12.91
C ASN F 102 25.15 -26.92 -13.57
N ASP F 103 23.93 -27.04 -13.03
CA ASP F 103 22.91 -27.86 -13.67
C ASP F 103 22.59 -27.37 -15.06
N VAL F 104 22.37 -26.06 -15.21
CA VAL F 104 22.06 -25.50 -16.52
C VAL F 104 23.24 -25.71 -17.46
N LEU F 105 24.45 -25.43 -16.98
CA LEU F 105 25.60 -25.58 -17.86
C LEU F 105 25.80 -27.04 -18.25
N GLU F 106 25.49 -27.97 -17.34
CA GLU F 106 25.50 -29.39 -17.69
C GLU F 106 24.49 -29.68 -18.79
N LEU F 107 23.27 -29.13 -18.67
CA LEU F 107 22.28 -29.32 -19.73
C LEU F 107 22.80 -28.75 -21.05
N LEU F 108 23.45 -27.60 -21.00
CA LEU F 108 23.91 -26.96 -22.23
C LEU F 108 24.99 -27.79 -22.91
N ASP F 109 25.93 -28.32 -22.13
CA ASP F 109 27.07 -29.05 -22.69
C ASP F 109 26.66 -30.45 -23.14
N LYS F 110 25.83 -31.14 -22.37
CA LYS F 110 25.50 -32.53 -22.67
C LYS F 110 24.34 -32.68 -23.64
N TYR F 111 23.42 -31.70 -23.69
CA TYR F 111 22.24 -31.87 -24.52
C TYR F 111 21.99 -30.72 -25.49
N LEU F 112 21.87 -29.48 -25.00
CA LEU F 112 21.29 -28.40 -25.82
C LEU F 112 22.21 -27.98 -26.97
N ILE F 113 23.48 -27.74 -26.69
CA ILE F 113 24.37 -27.21 -27.72
C ILE F 113 24.69 -28.30 -28.75
N PRO F 114 25.08 -29.53 -28.36
CA PRO F 114 25.35 -30.55 -29.38
C PRO F 114 24.12 -30.95 -30.18
N ASN F 115 22.92 -30.66 -29.71
CA ASN F 115 21.71 -30.93 -30.49
C ASN F 115 21.26 -29.76 -31.34
N ALA F 116 21.95 -28.62 -31.30
CA ALA F 116 21.49 -27.41 -31.98
C ALA F 116 21.84 -27.48 -33.47
N THR F 117 20.82 -27.61 -34.31
CA THR F 117 21.00 -27.82 -35.74
C THR F 117 20.91 -26.55 -36.57
N GLN F 118 20.21 -25.52 -36.09
CA GLN F 118 20.06 -24.28 -36.84
C GLN F 118 20.88 -23.16 -36.20
N PRO F 119 21.41 -22.23 -37.00
CA PRO F 119 22.26 -21.18 -36.43
C PRO F 119 21.58 -20.33 -35.35
N GLU F 120 20.29 -20.03 -35.52
CA GLU F 120 19.59 -19.28 -34.48
CA GLU F 120 19.58 -19.28 -34.49
C GLU F 120 19.59 -20.02 -33.16
N SER F 121 19.38 -21.35 -33.19
CA SER F 121 19.41 -22.16 -31.99
C SER F 121 20.80 -22.16 -31.36
N LYS F 122 21.84 -22.23 -32.21
CA LYS F 122 23.20 -22.23 -31.69
C LYS F 122 23.54 -20.90 -31.03
N VAL F 123 23.15 -19.78 -31.65
CA VAL F 123 23.40 -18.49 -31.03
C VAL F 123 22.67 -18.39 -29.70
N PHE F 124 21.40 -18.80 -29.68
CA PHE F 124 20.63 -18.75 -28.43
C PHE F 124 21.32 -19.53 -27.33
N TYR F 125 21.72 -20.78 -27.62
CA TYR F 125 22.27 -21.59 -26.54
C TYR F 125 23.65 -21.12 -26.14
N LEU F 126 24.40 -20.52 -27.07
CA LEU F 126 25.70 -19.96 -26.71
C LEU F 126 25.53 -18.72 -25.85
N LYS F 127 24.55 -17.87 -26.18
CA LYS F 127 24.21 -16.75 -25.33
C LYS F 127 23.81 -17.23 -23.94
N MET F 128 23.05 -18.33 -23.88
CA MET F 128 22.65 -18.87 -22.58
C MET F 128 23.85 -19.37 -21.78
N LYS F 129 24.78 -20.09 -22.44
CA LYS F 129 26.01 -20.48 -21.77
C LYS F 129 26.78 -19.27 -21.26
N GLY F 130 26.89 -18.23 -22.07
CA GLY F 130 27.53 -17.01 -21.60
C GLY F 130 26.83 -16.44 -20.38
N ASP F 131 25.50 -16.40 -20.41
CA ASP F 131 24.73 -15.86 -19.29
C ASP F 131 25.00 -16.63 -18.01
N TYR F 132 24.94 -17.96 -18.05
CA TYR F 132 25.03 -18.69 -16.80
C TYR F 132 26.46 -18.73 -16.27
N PHE F 133 27.46 -18.72 -17.15
CA PHE F 133 28.82 -18.50 -16.68
C PHE F 133 28.99 -17.08 -16.12
N ARG F 134 28.32 -16.10 -16.71
CA ARG F 134 28.32 -14.76 -16.11
C ARG F 134 27.70 -14.78 -14.72
N TYR F 135 26.60 -15.52 -14.52
CA TYR F 135 26.00 -15.55 -13.18
C TYR F 135 26.94 -16.21 -12.17
N LEU F 136 27.62 -17.29 -12.58
CA LEU F 136 28.70 -17.82 -11.77
C LEU F 136 29.76 -16.75 -11.49
N SER F 137 30.17 -16.01 -12.53
CA SER F 137 31.20 -14.99 -12.33
C SER F 137 30.76 -13.87 -11.39
N GLU F 138 29.45 -13.61 -11.25
CA GLU F 138 28.99 -12.57 -10.32
C GLU F 138 29.34 -12.87 -8.87
N VAL F 139 29.63 -14.12 -8.52
CA VAL F 139 29.88 -14.48 -7.13
C VAL F 139 31.21 -15.23 -7.00
N ALA F 140 31.85 -15.55 -8.11
CA ALA F 140 33.09 -16.32 -8.06
C ALA F 140 34.22 -15.47 -7.47
N SER F 141 34.90 -16.00 -6.46
CA SER F 141 35.99 -15.30 -5.81
C SER F 141 37.33 -15.92 -6.23
N GLY F 142 38.37 -15.08 -6.22
CA GLY F 142 39.74 -15.50 -6.48
C GLY F 142 39.95 -16.39 -7.69
N ASP F 143 40.34 -17.64 -7.43
CA ASP F 143 40.76 -18.58 -8.46
C ASP F 143 39.67 -18.87 -9.48
N ASN F 144 38.64 -19.64 -9.06
CA ASN F 144 37.63 -20.15 -9.98
C ASN F 144 37.02 -19.07 -10.87
N LYS F 145 37.07 -17.81 -10.44
CA LYS F 145 36.54 -16.71 -11.23
C LYS F 145 37.18 -16.66 -12.63
N GLN F 146 38.50 -16.86 -12.70
CA GLN F 146 39.17 -16.74 -14.00
C GLN F 146 38.63 -17.73 -15.01
N THR F 147 38.24 -18.93 -14.56
CA THR F 147 37.71 -19.92 -15.49
C THR F 147 36.30 -19.56 -15.95
N THR F 148 35.43 -19.14 -15.02
CA THR F 148 34.06 -18.83 -15.42
C THR F 148 34.01 -17.57 -16.28
N VAL F 149 34.78 -16.54 -15.93
CA VAL F 149 34.86 -15.33 -16.73
C VAL F 149 35.33 -15.66 -18.15
N SER F 150 36.38 -16.48 -18.27
CA SER F 150 36.87 -16.87 -19.57
C SER F 150 35.85 -17.71 -20.33
N ASN F 151 35.19 -18.64 -19.62
CA ASN F 151 34.18 -19.46 -20.27
C ASN F 151 32.96 -18.64 -20.68
N SER F 152 32.62 -17.61 -19.90
CA SER F 152 31.55 -16.71 -20.31
C SER F 152 31.93 -15.95 -21.57
N GLN F 153 33.10 -15.31 -21.54
CA GLN F 153 33.53 -14.52 -22.70
C GLN F 153 33.61 -15.37 -23.96
N GLN F 154 34.12 -16.60 -23.83
CA GLN F 154 34.24 -17.48 -24.98
C GLN F 154 32.88 -17.81 -25.59
N ALA F 155 31.90 -18.13 -24.74
CA ALA F 155 30.57 -18.48 -25.24
C ALA F 155 29.93 -17.30 -25.95
N TYR F 156 30.00 -16.12 -25.33
CA TYR F 156 29.45 -14.91 -25.93
C TYR F 156 30.14 -14.59 -27.27
N GLN F 157 31.46 -14.62 -27.26
CA GLN F 157 32.23 -14.26 -28.45
C GLN F 157 31.83 -15.12 -29.64
N GLU F 158 31.69 -16.44 -29.44
CA GLU F 158 31.31 -17.30 -30.56
C GLU F 158 29.89 -17.01 -31.03
N ALA F 159 28.96 -16.77 -30.09
CA ALA F 159 27.61 -16.40 -30.50
C ALA F 159 27.62 -15.06 -31.23
N PHE F 160 28.48 -14.14 -30.79
CA PHE F 160 28.58 -12.84 -31.42
C PHE F 160 28.99 -12.98 -32.87
N GLU F 161 29.94 -13.88 -33.15
CA GLU F 161 30.44 -14.04 -34.51
C GLU F 161 29.41 -14.70 -35.41
N ILE F 162 28.72 -15.73 -34.91
CA ILE F 162 27.65 -16.33 -35.70
C ILE F 162 26.54 -15.33 -35.95
N SER F 163 26.14 -14.59 -34.90
CA SER F 163 24.99 -13.69 -35.03
C SER F 163 25.24 -12.60 -36.07
N LYS F 164 26.48 -12.08 -36.15
CA LYS F 164 26.73 -10.98 -37.09
C LYS F 164 26.75 -11.46 -38.54
N LYS F 165 27.03 -12.75 -38.77
CA LYS F 165 27.01 -13.32 -40.11
C LYS F 165 25.63 -13.83 -40.51
N GLU F 166 24.84 -14.33 -39.55
CA GLU F 166 23.61 -15.03 -39.85
C GLU F 166 22.34 -14.23 -39.60
N MET F 167 22.43 -13.13 -38.86
CA MET F 167 21.24 -12.42 -38.41
C MET F 167 21.28 -10.95 -38.81
N GLN F 168 20.11 -10.41 -39.13
CA GLN F 168 19.99 -8.99 -39.40
C GLN F 168 20.11 -8.21 -38.09
N PRO F 169 20.53 -6.94 -38.15
CA PRO F 169 20.76 -6.19 -36.91
C PRO F 169 19.51 -5.98 -36.09
N THR F 170 18.32 -6.13 -36.68
CA THR F 170 17.08 -6.00 -35.94
C THR F 170 16.65 -7.31 -35.28
N HIS F 171 17.38 -8.40 -35.50
CA HIS F 171 16.98 -9.68 -34.95
C HIS F 171 17.05 -9.64 -33.43
N PRO F 172 15.97 -10.00 -32.73
CA PRO F 172 15.99 -9.89 -31.25
C PRO F 172 17.11 -10.68 -30.58
N ILE F 173 17.54 -11.81 -31.15
CA ILE F 173 18.59 -12.56 -30.49
C ILE F 173 19.95 -11.90 -30.68
N ARG F 174 20.19 -11.34 -31.87
CA ARG F 174 21.40 -10.55 -32.08
C ARG F 174 21.39 -9.34 -31.18
N LEU F 175 20.24 -8.67 -31.03
CA LEU F 175 20.16 -7.54 -30.11
C LEU F 175 20.34 -7.99 -28.66
N GLY F 176 19.68 -9.09 -28.27
CA GLY F 176 19.78 -9.52 -26.89
C GLY F 176 21.17 -9.99 -26.51
N LEU F 177 21.83 -10.68 -27.44
CA LEU F 177 23.22 -11.09 -27.22
C LEU F 177 24.12 -9.88 -27.02
N ALA F 178 23.96 -8.86 -27.86
CA ALA F 178 24.78 -7.66 -27.70
C ALA F 178 24.53 -7.01 -26.34
N LEU F 179 23.25 -6.93 -25.95
CA LEU F 179 22.92 -6.35 -24.65
C LEU F 179 23.64 -7.08 -23.52
N ASN F 180 23.51 -8.41 -23.47
CA ASN F 180 24.05 -9.15 -22.34
C ASN F 180 25.57 -9.19 -22.41
N PHE F 181 26.12 -9.31 -23.63
CA PHE F 181 27.58 -9.32 -23.76
C PHE F 181 28.17 -7.98 -23.31
N SER F 182 27.51 -6.88 -23.63
CA SER F 182 27.98 -5.58 -23.16
C SER F 182 27.88 -5.48 -21.63
N VAL F 183 26.81 -6.02 -21.04
CA VAL F 183 26.73 -6.08 -19.58
C VAL F 183 27.91 -6.85 -19.02
N PHE F 184 28.25 -7.97 -19.65
CA PHE F 184 29.43 -8.73 -19.23
C PHE F 184 30.67 -7.86 -19.21
N TYR F 185 30.92 -7.11 -20.28
CA TYR F 185 32.10 -6.24 -20.32
C TYR F 185 32.04 -5.19 -19.22
N TYR F 186 30.90 -4.50 -19.08
CA TYR F 186 30.82 -3.44 -18.09
C TYR F 186 31.02 -3.96 -16.68
N GLU F 187 30.27 -5.00 -16.31
CA GLU F 187 30.16 -5.42 -14.92
C GLU F 187 31.22 -6.45 -14.51
N ILE F 188 31.44 -7.46 -15.35
CA ILE F 188 32.36 -8.55 -14.99
C ILE F 188 33.80 -8.18 -15.33
N LEU F 189 34.04 -7.66 -16.53
CA LEU F 189 35.38 -7.35 -16.97
C LEU F 189 35.80 -5.93 -16.60
N ASN F 190 34.88 -5.11 -16.10
CA ASN F 190 35.14 -3.71 -15.78
C ASN F 190 35.85 -3.02 -16.94
N SER F 191 35.20 -3.10 -18.11
CA SER F 191 35.64 -2.43 -19.33
C SER F 191 34.48 -1.57 -19.84
N PRO F 192 34.21 -0.44 -19.17
CA PRO F 192 33.00 0.32 -19.51
C PRO F 192 33.01 0.88 -20.92
N GLU F 193 34.20 1.19 -21.46
CA GLU F 193 34.27 1.71 -22.83
C GLU F 193 33.84 0.65 -23.83
N LYS F 194 34.41 -0.56 -23.75
CA LYS F 194 34.03 -1.63 -24.66
C LYS F 194 32.56 -2.00 -24.50
N ALA F 195 32.07 -2.00 -23.26
CA ALA F 195 30.65 -2.22 -23.02
C ALA F 195 29.80 -1.16 -23.73
N CYS F 196 30.17 0.11 -23.58
CA CYS F 196 29.41 1.16 -24.24
C CYS F 196 29.53 1.07 -25.76
N SER F 197 30.73 0.72 -26.25
CA SER F 197 30.93 0.60 -27.69
C SER F 197 30.06 -0.49 -28.28
N LEU F 198 30.02 -1.66 -27.63
CA LEU F 198 29.21 -2.76 -28.14
C LEU F 198 27.74 -2.38 -28.16
N ALA F 199 27.25 -1.76 -27.09
CA ALA F 199 25.83 -1.43 -27.00
C ALA F 199 25.45 -0.34 -27.99
N LYS F 200 26.34 0.63 -28.21
CA LYS F 200 25.99 1.73 -29.11
C LYS F 200 26.02 1.27 -30.55
N THR F 201 26.98 0.42 -30.91
CA THR F 201 27.02 -0.17 -32.25
C THR F 201 25.75 -0.96 -32.54
N ALA F 202 25.34 -1.80 -31.59
CA ALA F 202 24.14 -2.59 -31.79
C ALA F 202 22.92 -1.70 -31.96
N PHE F 203 22.82 -0.65 -31.14
CA PHE F 203 21.69 0.26 -31.26
C PHE F 203 21.69 1.00 -32.58
N ASP F 204 22.86 1.49 -33.01
CA ASP F 204 22.95 2.27 -34.23
C ASP F 204 22.63 1.43 -35.47
N GLU F 205 23.14 0.21 -35.53
CA GLU F 205 22.89 -0.63 -36.70
C GLU F 205 21.44 -1.06 -36.78
N ALA F 206 20.76 -1.23 -35.64
CA ALA F 206 19.35 -1.63 -35.66
C ALA F 206 18.47 -0.46 -36.09
N ILE F 207 18.70 0.72 -35.52
CA ILE F 207 17.90 1.89 -35.87
C ILE F 207 18.10 2.25 -37.34
N ALA F 208 19.22 1.84 -37.93
CA ALA F 208 19.46 2.08 -39.35
C ALA F 208 18.61 1.19 -40.24
N GLU F 209 18.15 0.05 -39.73
CA GLU F 209 17.38 -0.90 -40.53
C GLU F 209 15.90 -0.93 -40.16
N LEU F 210 15.53 -0.40 -38.99
CA LEU F 210 14.19 -0.58 -38.47
C LEU F 210 13.14 0.16 -39.31
N ASP F 211 12.04 -0.53 -39.62
CA ASP F 211 10.91 0.07 -40.33
C ASP F 211 10.11 0.96 -39.38
N THR F 212 10.48 2.24 -39.35
CA THR F 212 9.84 3.20 -38.46
C THR F 212 8.34 3.33 -38.73
N LEU F 213 7.89 3.05 -39.96
CA LEU F 213 6.48 3.21 -40.30
C LEU F 213 5.63 2.03 -39.84
N ASN F 214 6.25 0.91 -39.49
CA ASN F 214 5.56 -0.28 -39.02
C ASN F 214 6.16 -0.77 -37.70
N GLU F 215 6.51 0.16 -36.81
CA GLU F 215 7.12 -0.21 -35.53
C GLU F 215 6.23 -1.20 -34.75
N GLU F 216 4.92 -1.16 -35.01
CA GLU F 216 4.00 -2.13 -34.43
C GLU F 216 4.44 -3.57 -34.68
N SER F 217 5.06 -3.81 -35.84
CA SER F 217 5.41 -5.16 -36.27
C SER F 217 6.75 -5.64 -35.73
N TYR F 218 7.45 -4.81 -34.95
CA TYR F 218 8.81 -5.14 -34.51
C TYR F 218 8.99 -4.80 -33.03
N LYS F 219 7.95 -4.99 -32.23
CA LYS F 219 8.04 -4.66 -30.81
C LYS F 219 9.04 -5.53 -30.07
N ASP F 220 9.32 -6.74 -30.60
CA ASP F 220 10.38 -7.55 -30.02
C ASP F 220 11.75 -6.91 -30.22
N SER F 221 11.96 -6.29 -31.39
CA SER F 221 13.22 -5.60 -31.65
C SER F 221 13.29 -4.29 -30.88
N THR F 222 12.22 -3.47 -30.92
CA THR F 222 12.32 -2.18 -30.25
C THR F 222 12.46 -2.33 -28.74
N LEU F 223 11.95 -3.42 -28.16
CA LEU F 223 12.15 -3.63 -26.72
C LEU F 223 13.64 -3.60 -26.37
N ILE F 224 14.44 -4.37 -27.10
CA ILE F 224 15.84 -4.48 -26.74
C ILE F 224 16.61 -3.24 -27.18
N MET F 225 16.19 -2.60 -28.27
CA MET F 225 16.78 -1.31 -28.61
C MET F 225 16.61 -0.32 -27.45
N GLN F 226 15.43 -0.31 -26.83
CA GLN F 226 15.24 0.56 -25.67
C GLN F 226 16.13 0.12 -24.50
N LEU F 227 16.28 -1.18 -24.29
CA LEU F 227 17.17 -1.65 -23.22
C LEU F 227 18.61 -1.24 -23.46
N LEU F 228 19.07 -1.35 -24.72
CA LEU F 228 20.43 -0.92 -25.05
C LEU F 228 20.58 0.58 -24.78
N ARG F 229 19.62 1.38 -25.22
CA ARG F 229 19.70 2.82 -24.94
C ARG F 229 19.67 3.10 -23.45
N ASP F 230 18.82 2.38 -22.70
CA ASP F 230 18.77 2.53 -21.26
C ASP F 230 20.15 2.32 -20.64
N ASN F 231 20.83 1.22 -21.03
CA ASN F 231 22.13 0.93 -20.43
C ASN F 231 23.14 2.01 -20.80
N LEU F 232 23.17 2.43 -22.06
CA LEU F 232 24.11 3.47 -22.47
C LEU F 232 23.89 4.76 -21.70
N THR F 233 22.61 5.13 -21.50
CA THR F 233 22.28 6.32 -20.71
C THR F 233 22.76 6.15 -19.27
N LEU F 234 22.40 5.02 -18.65
CA LEU F 234 22.81 4.77 -17.27
C LEU F 234 24.32 4.85 -17.10
N TRP F 235 25.06 4.30 -18.07
CA TRP F 235 26.51 4.16 -17.93
C TRP F 235 27.27 5.46 -18.23
N THR F 236 26.73 6.30 -19.10
CA THR F 236 27.40 7.55 -19.47
C THR F 236 26.92 8.74 -18.65
N SER F 237 26.09 8.50 -17.64
CA SER F 237 25.59 9.56 -16.78
C SER F 237 26.36 9.60 -15.45
N ARG G . -12.86 4.59 -0.20
CA ARG G . -12.25 5.35 -1.27
C ARG G . -11.56 4.47 -2.32
O ARG G . -11.52 4.77 -3.49
CB ARG G . -11.21 6.21 -0.56
CG ARG G . -10.16 6.80 -1.49
CD ARG G . -8.96 7.31 -0.67
NE ARG G . -8.16 8.19 -1.50
CZ ARG G . -7.09 8.96 -0.89
NH1 ARG G . -6.86 8.87 0.34
NH2 ARG G . -6.30 9.85 -1.73
C02 Q95 H . -14.78 4.27 -6.20
C03 Q95 H . -14.40 5.68 -5.80
C04 Q95 H . -13.97 6.63 -6.72
C05 Q95 H . -13.66 7.91 -6.28
C06 Q95 H . -13.77 8.26 -4.94
C07 Q95 H . -14.19 7.33 -4.02
C08 Q95 H . -14.51 6.05 -4.47
C10 Q95 H . -15.63 5.71 -1.84
C11 Q95 H . -16.49 6.81 -1.95
C12 Q95 H . -16.89 7.50 -0.82
C13 Q95 H . -16.42 7.11 0.43
C14 Q95 H . -15.54 6.03 0.54
C15 Q95 H . -15.15 5.34 -0.60
C16 Q95 H . -14.20 4.14 -0.50
N01 Q95 H . -13.83 3.35 -5.61
S09 Q95 H . -15.08 4.78 -3.29
C02 Q95 I . -13.78 8.43 2.38
C03 Q95 I . -13.89 9.92 2.08
C04 Q95 I . -15.12 10.57 2.09
C05 Q95 I . -15.18 11.94 1.81
C06 Q95 I . -14.02 12.65 1.52
C07 Q95 I . -12.78 11.99 1.50
C08 Q95 I . -12.73 10.64 1.79
C10 Q95 I . -10.02 10.77 0.73
C11 Q95 I . -10.16 10.74 -0.66
C12 Q95 I . -9.32 11.51 -1.44
C13 Q95 I . -8.34 12.30 -0.85
C14 Q95 I . -8.21 12.33 0.53
C15 Q95 I . -9.06 11.57 1.33
C16 Q95 I . -8.94 11.58 2.86
N01 Q95 I . -13.15 8.23 3.66
S09 Q95 I . -11.12 9.78 1.77
N ARG J . -9.95 12.40 3.50
CA ARG J . -9.45 12.82 4.81
C ARG J . -9.08 11.58 5.62
O ARG J . -7.99 11.46 6.06
CB ARG J . -10.51 13.58 5.62
CG ARG J . -9.86 14.29 6.82
CD ARG J . -10.75 14.39 8.05
NE ARG J . -9.95 14.58 9.26
CZ ARG J . -9.66 15.92 9.79
NH1 ARG J . -8.85 16.04 10.98
NH2 ARG J . -10.12 16.93 9.22
N TYR K . -12.30 1.48 -4.02
CA TYR K . -12.97 0.98 -5.21
C TYR K . -13.97 1.94 -5.83
O TYR K . -14.87 1.52 -6.49
CB TYR K . -13.71 -0.28 -4.78
CG TYR K . -12.74 -1.41 -4.44
CD1 TYR K . -12.47 -1.75 -3.13
CD2 TYR K . -12.10 -2.07 -5.47
CE1 TYR K . -11.58 -2.78 -2.85
CE2 TYR K . -11.22 -3.10 -5.20
CZ TYR K . -10.95 -3.45 -3.89
OH TYR K . -10.05 -4.49 -3.65
N GLN L . -10.93 3.25 -1.89
CA GLN L . -10.20 2.39 -2.81
C GLN L . -10.93 1.93 -4.08
O GLN L . -10.36 1.91 -5.12
CB GLN L . -9.83 1.11 -2.03
CG GLN L . -8.90 0.16 -2.80
CD GLN L . -8.04 -0.68 -1.86
NE2 GLN L . -6.69 -0.81 -2.39
N GLN M . -10.08 10.58 5.84
CA GLN M . -9.68 9.43 6.62
C GLN M . -10.19 8.13 6.00
O GLN M . -9.41 7.34 5.57
CB GLN M . -10.26 9.59 8.02
CG GLN M . -9.13 9.78 9.03
CD GLN M . -8.48 8.44 9.36
NE2 GLN M . -7.32 8.23 8.51
N TYR N . -11.61 7.89 5.94
CA TYR N . -12.10 6.65 5.37
C TYR N . -12.75 6.90 4.03
O TYR N . -12.94 5.99 3.27
CB TYR N . -13.16 6.13 6.33
CG TYR N . -12.52 6.07 7.70
CD1 TYR N . -11.56 5.10 7.94
CD2 TYR N . -12.87 6.97 8.68
CE1 TYR N . -10.94 5.03 9.18
CE2 TYR N . -12.25 6.91 9.91
CZ TYR N . -11.29 5.94 10.17
OH TYR N . -10.69 5.88 11.42
#